data_9FV3
#
_entry.id   9FV3
#
_cell.length_a   1.00
_cell.length_b   1.00
_cell.length_c   1.00
_cell.angle_alpha   90.00
_cell.angle_beta   90.00
_cell.angle_gamma   90.00
#
_symmetry.space_group_name_H-M   'P 1'
#
loop_
_entity.id
_entity.type
_entity.pdbx_description
1 polymer 'ATP-dependent lipid A-core flippase'
2 non-polymer '(2~{R},4~{R},5~{R},6~{R})-6-[(1~{R})-1,2-bis(oxidanyl)ethyl]-2-[(2~{R},4~{R},5~{R},6~{R})-6-[(1~{R})-1,2-bis(oxidanyl)ethyl]-2-carboxy-2-[[(2~{R},3~{S},4~{R},5~{R},6~{R})-5-[[(3~{R})-3-dodecanoyloxytetradecanoyl]amino]-6-[[(2~{R},3~{S},4~{R},5~{R},6~{R})-3-oxidanyl-5-[[(3~{R})-3-oxidanyltetradecanoyl]amino]-4-[(3~{R})-3-oxidanyltetradecanoyl]oxy-6-phosphonooxy-oxan-2-yl]methoxy]-3-phosphonooxy-4-[(3~{R})-3-tetradecanoyloxytetradecanoyl]oxy-oxan-2-yl]methoxy]-5-oxidanyl-oxan-4-yl]oxy-4,5-bis(oxidanyl)oxane-2-carboxylic acid'
#
_entity_poly.entity_id   1
_entity_poly.type   'polypeptide(L)'
_entity_poly.pdbx_seq_one_letter_code
;MHNDKDLSTWQTFRRLWPTIAPFKAGLIVAGVALILNAASDTFMLSLLKPLLDDGFGKTDRSVLVWMPLVVIGLMILRGI
TSYVSSYCISWVSGKVVMTMRRRLFGHMMGMPVSFFDKQSTGTLLSRITYDSEQVASSSSGALITVVREGASIIGLFIMM
FYYSWQLSIILIVLAPIVSIAIRVVSKRFRNISKNMQNTMGQVTTSAEQMLKGHKEVLIFGGQEVETKRFDKVSNRMRLQ
GMKMVSASSISDPIIQLIASLALAFVLYAASFPSVMDSLTAGTITVVFSSMIALMRPLKSLTNVNAQFQRGMAACQTLFT
ILDSEQEKDEGKRVIERATGDVEFRNVTFTYPGRDVPALRNINLKIPAGKTVALVGRSGSGKSTIASLITRFYDIDEGEI
LMDGHDLREYTLASLRNQVALVSQNVHLFNDTVANNIAYARTEQYSREQIEEAARMAYAMDFINKMDNGLDTVIGENGVL
LSGGQRQRIAIARALLRDSPILILDEATSALDTESERAIQAALDELQKNRTSLVIAHRLSTIEKADEIVVVEDGVIVERG
THNDLLEHRGVYAQLHKMQFGQ
;
_entity_poly.pdbx_strand_id   A,B
#
# COMPACT_ATOMS: atom_id res chain seq x y z
N THR A 12 -3.84 17.25 -22.60
CA THR A 12 -2.95 16.69 -21.55
C THR A 12 -1.80 15.91 -22.19
N PHE A 13 -2.15 15.08 -23.16
CA PHE A 13 -1.11 14.44 -23.96
C PHE A 13 -0.30 15.47 -24.73
N ARG A 14 -0.92 16.61 -25.08
CA ARG A 14 -0.16 17.71 -25.67
C ARG A 14 0.95 18.19 -24.75
N ARG A 15 0.68 18.27 -23.45
CA ARG A 15 1.70 18.69 -22.49
C ARG A 15 2.66 17.56 -22.14
N LEU A 16 2.24 16.31 -22.28
CA LEU A 16 3.16 15.20 -22.01
C LEU A 16 4.14 15.00 -23.17
N TRP A 17 3.72 15.28 -24.40
CA TRP A 17 4.49 14.98 -25.60
C TRP A 17 5.87 15.64 -25.63
N PRO A 18 6.05 16.87 -25.16
CA PRO A 18 7.41 17.43 -25.10
C PRO A 18 8.39 16.57 -24.31
N THR A 19 7.95 15.87 -23.27
CA THR A 19 8.84 14.96 -22.58
C THR A 19 9.26 13.81 -23.48
N ILE A 20 8.34 13.33 -24.34
CA ILE A 20 8.65 12.23 -25.24
C ILE A 20 9.30 12.71 -26.54
N ALA A 21 9.49 14.02 -26.70
CA ALA A 21 10.04 14.57 -27.94
C ALA A 21 11.37 13.97 -28.36
N PRO A 22 12.39 13.82 -27.49
CA PRO A 22 13.67 13.33 -27.98
C PRO A 22 13.76 11.81 -28.08
N PHE A 23 12.64 11.11 -27.94
CA PHE A 23 12.57 9.66 -28.05
C PHE A 23 11.70 9.21 -29.22
N LYS A 24 11.51 10.08 -30.21
CA LYS A 24 10.89 9.65 -31.45
C LYS A 24 11.70 8.55 -32.11
N ALA A 25 13.03 8.62 -32.02
CA ALA A 25 13.89 7.61 -32.64
C ALA A 25 13.66 6.22 -32.07
N GLY A 26 13.11 6.11 -30.86
CA GLY A 26 12.75 4.83 -30.29
C GLY A 26 11.30 4.50 -30.54
N LEU A 27 10.42 5.50 -30.39
CA LEU A 27 8.99 5.25 -30.52
C LEU A 27 8.62 4.85 -31.95
N ILE A 28 9.14 5.56 -32.95
CA ILE A 28 8.81 5.25 -34.34
C ILE A 28 9.37 3.88 -34.72
N VAL A 29 10.57 3.55 -34.24
CA VAL A 29 11.13 2.24 -34.55
C VAL A 29 10.31 1.14 -33.90
N ALA A 30 9.81 1.38 -32.69
CA ALA A 30 8.91 0.41 -32.06
C ALA A 30 7.63 0.25 -32.87
N GLY A 31 7.09 1.36 -33.37
CA GLY A 31 5.90 1.28 -34.20
C GLY A 31 6.12 0.50 -35.48
N VAL A 32 7.27 0.70 -36.13
CA VAL A 32 7.57 -0.03 -37.35
C VAL A 32 7.79 -1.51 -37.04
N ALA A 33 8.43 -1.81 -35.91
CA ALA A 33 8.60 -3.21 -35.54
C ALA A 33 7.25 -3.88 -35.30
N LEU A 34 6.32 -3.19 -34.64
CA LEU A 34 5.04 -3.83 -34.36
C LEU A 34 4.14 -3.91 -35.58
N ILE A 35 4.18 -2.92 -36.48
CA ILE A 35 3.40 -3.05 -37.72
C ILE A 35 3.99 -4.16 -38.56
N LEU A 36 5.31 -4.35 -38.54
CA LEU A 36 5.88 -5.53 -39.19
C LEU A 36 5.42 -6.81 -38.51
N ASN A 37 5.26 -6.78 -37.18
CA ASN A 37 4.72 -7.96 -36.49
C ASN A 37 3.31 -8.29 -36.98
N ALA A 38 2.47 -7.26 -37.11
CA ALA A 38 1.11 -7.49 -37.61
C ALA A 38 1.13 -8.00 -39.04
N ALA A 39 1.98 -7.42 -39.89
CA ALA A 39 2.10 -7.91 -41.26
C ALA A 39 2.63 -9.33 -41.28
N SER A 40 3.48 -9.70 -40.32
CA SER A 40 3.95 -11.08 -40.25
C SER A 40 2.81 -12.02 -39.89
N ASP A 41 1.99 -11.64 -38.91
CA ASP A 41 0.83 -12.45 -38.55
C ASP A 41 -0.25 -12.47 -39.63
N THR A 42 -0.21 -11.52 -40.58
CA THR A 42 -1.19 -11.48 -41.66
C THR A 42 -0.73 -12.24 -42.91
N PHE A 43 0.51 -12.04 -43.37
CA PHE A 43 1.01 -12.81 -44.51
C PHE A 43 1.05 -14.29 -44.18
N MET A 44 1.35 -14.59 -42.90
CA MET A 44 1.38 -16.00 -42.43
C MET A 44 -0.02 -16.60 -42.57
N LEU A 45 -1.07 -15.84 -42.21
CA LEU A 45 -2.40 -16.37 -42.40
C LEU A 45 -2.74 -16.46 -43.88
N SER A 46 -2.33 -15.47 -44.68
CA SER A 46 -2.54 -15.51 -46.13
C SER A 46 -1.90 -16.73 -46.77
N LEU A 47 -0.85 -17.27 -46.15
CA LEU A 47 -0.16 -18.43 -46.70
C LEU A 47 -1.02 -19.68 -46.75
N LEU A 48 -2.18 -19.69 -46.07
CA LEU A 48 -3.06 -20.86 -46.10
C LEU A 48 -3.52 -21.18 -47.51
N LYS A 49 -3.94 -20.16 -48.26
CA LYS A 49 -4.59 -20.43 -49.55
C LYS A 49 -3.67 -21.14 -50.53
N PRO A 50 -2.41 -20.73 -50.74
CA PRO A 50 -1.51 -21.58 -51.54
C PRO A 50 -1.37 -22.99 -51.00
N LEU A 51 -1.29 -23.14 -49.67
CA LEU A 51 -1.13 -24.47 -49.09
C LEU A 51 -2.32 -25.36 -49.44
N LEU A 52 -3.51 -25.02 -48.96
CA LEU A 52 -4.65 -25.89 -49.15
C LEU A 52 -5.17 -25.90 -50.58
N ASP A 53 -4.71 -24.99 -51.44
CA ASP A 53 -5.17 -24.94 -52.83
C ASP A 53 -4.13 -25.45 -53.83
N ASP A 54 -2.91 -25.80 -53.39
CA ASP A 54 -1.93 -26.36 -54.31
C ASP A 54 -1.07 -27.47 -53.70
N GLY A 55 -1.31 -27.88 -52.45
CA GLY A 55 -0.58 -28.96 -51.83
C GLY A 55 -1.46 -30.15 -51.53
N PHE A 56 -1.95 -30.21 -50.28
CA PHE A 56 -2.83 -31.29 -49.86
C PHE A 56 -4.13 -31.32 -50.64
N GLY A 57 -4.50 -30.24 -51.33
CA GLY A 57 -5.75 -30.19 -52.05
C GLY A 57 -5.63 -30.68 -53.47
N LYS A 58 -5.81 -29.79 -54.44
CA LYS A 58 -5.98 -30.22 -55.82
C LYS A 58 -4.64 -30.54 -56.48
N THR A 59 -3.77 -29.56 -56.62
CA THR A 59 -2.44 -29.81 -57.17
C THR A 59 -1.58 -30.49 -56.10
N ASP A 60 -0.74 -31.42 -56.56
CA ASP A 60 -0.11 -32.37 -55.62
C ASP A 60 0.98 -31.71 -54.78
N ARG A 61 2.06 -31.25 -55.41
CA ARG A 61 3.17 -30.69 -54.65
C ARG A 61 4.03 -29.81 -55.55
N SER A 62 3.82 -28.50 -55.49
CA SER A 62 4.81 -27.54 -55.95
C SER A 62 5.04 -26.49 -54.86
N VAL A 63 3.96 -26.07 -54.22
CA VAL A 63 4.02 -25.08 -53.15
C VAL A 63 4.65 -25.66 -51.89
N LEU A 64 4.34 -26.91 -51.57
CA LEU A 64 4.59 -27.45 -50.24
C LEU A 64 6.07 -27.64 -49.91
N VAL A 65 6.95 -27.61 -50.90
CA VAL A 65 8.36 -27.88 -50.64
C VAL A 65 8.96 -26.83 -49.71
N TRP A 66 8.76 -25.55 -50.04
CA TRP A 66 9.35 -24.45 -49.29
C TRP A 66 8.44 -23.92 -48.19
N MET A 67 7.26 -24.52 -47.99
CA MET A 67 6.30 -23.97 -47.03
C MET A 67 6.78 -24.01 -45.58
N PRO A 68 7.23 -25.15 -45.03
CA PRO A 68 7.70 -25.09 -43.64
C PRO A 68 8.93 -24.21 -43.47
N LEU A 69 9.82 -24.16 -44.45
CA LEU A 69 10.97 -23.28 -44.36
C LEU A 69 10.54 -21.82 -44.31
N VAL A 70 9.59 -21.44 -45.16
CA VAL A 70 9.07 -20.08 -45.11
C VAL A 70 8.39 -19.82 -43.78
N VAL A 71 7.72 -20.85 -43.23
CA VAL A 71 7.02 -20.68 -41.96
C VAL A 71 8.01 -20.36 -40.85
N ILE A 72 9.08 -21.15 -40.73
CA ILE A 72 10.02 -20.90 -39.64
C ILE A 72 10.77 -19.59 -39.88
N GLY A 73 11.07 -19.26 -41.14
CA GLY A 73 11.68 -17.97 -41.42
C GLY A 73 10.80 -16.80 -40.99
N LEU A 74 9.51 -16.87 -41.31
CA LEU A 74 8.62 -15.77 -40.99
C LEU A 74 8.28 -15.73 -39.51
N MET A 75 8.38 -16.86 -38.80
CA MET A 75 8.29 -16.85 -37.34
C MET A 75 9.54 -16.33 -36.65
N ILE A 76 10.74 -16.55 -37.19
CA ILE A 76 11.87 -15.86 -36.58
C ILE A 76 11.77 -14.37 -36.87
N LEU A 77 11.19 -13.99 -38.01
CA LEU A 77 10.88 -12.58 -38.23
C LEU A 77 9.90 -12.07 -37.18
N ARG A 78 8.86 -12.86 -36.89
CA ARG A 78 7.89 -12.47 -35.87
C ARG A 78 8.56 -12.28 -34.51
N GLY A 79 9.43 -13.23 -34.13
CA GLY A 79 10.12 -13.10 -32.86
C GLY A 79 11.03 -11.89 -32.82
N ILE A 80 11.75 -11.63 -33.92
CA ILE A 80 12.65 -10.48 -33.96
C ILE A 80 11.87 -9.20 -33.82
N THR A 81 10.77 -9.06 -34.57
CA THR A 81 9.97 -7.84 -34.55
C THR A 81 9.09 -7.72 -33.32
N SER A 82 8.95 -8.78 -32.52
CA SER A 82 8.36 -8.65 -31.21
C SER A 82 9.38 -8.20 -30.17
N TYR A 83 10.56 -8.84 -30.15
CA TYR A 83 11.59 -8.46 -29.21
C TYR A 83 12.08 -7.03 -29.44
N VAL A 84 12.26 -6.64 -30.70
CA VAL A 84 12.72 -5.30 -31.00
C VAL A 84 11.68 -4.27 -30.57
N SER A 85 10.40 -4.54 -30.83
CA SER A 85 9.37 -3.59 -30.42
C SER A 85 9.17 -3.55 -28.92
N SER A 86 9.49 -4.63 -28.21
CA SER A 86 9.45 -4.58 -26.76
C SER A 86 10.62 -3.80 -26.19
N TYR A 87 11.82 -4.01 -26.72
CA TYR A 87 12.98 -3.29 -26.21
C TYR A 87 12.91 -1.81 -26.55
N CYS A 88 12.52 -1.46 -27.77
CA CYS A 88 12.48 -0.07 -28.21
C CYS A 88 11.20 0.65 -27.81
N ILE A 89 10.26 -0.04 -27.17
CA ILE A 89 9.20 0.63 -26.42
C ILE A 89 9.53 0.70 -24.93
N SER A 90 10.36 -0.20 -24.42
CA SER A 90 10.93 0.00 -23.10
C SER A 90 11.90 1.17 -23.09
N TRP A 91 12.56 1.46 -24.21
CA TRP A 91 13.41 2.64 -24.27
C TRP A 91 12.62 3.95 -24.24
N VAL A 92 11.29 3.90 -24.36
CA VAL A 92 10.44 5.04 -24.09
C VAL A 92 9.71 4.93 -22.76
N SER A 93 9.31 3.73 -22.35
CA SER A 93 8.72 3.53 -21.03
C SER A 93 9.73 3.66 -19.90
N GLY A 94 11.02 3.71 -20.21
CA GLY A 94 12.06 3.98 -19.23
C GLY A 94 12.85 5.22 -19.55
N LYS A 95 12.30 6.10 -20.39
CA LYS A 95 12.81 7.46 -20.53
C LYS A 95 11.70 8.50 -20.52
N VAL A 96 10.43 8.09 -20.37
CA VAL A 96 9.37 8.96 -19.92
C VAL A 96 8.91 8.61 -18.52
N VAL A 97 9.39 7.50 -17.96
CA VAL A 97 9.26 7.23 -16.54
C VAL A 97 10.43 7.84 -15.77
N MET A 98 11.66 7.60 -16.22
CA MET A 98 12.82 8.14 -15.53
C MET A 98 12.82 9.66 -15.56
N THR A 99 12.50 10.25 -16.72
CA THR A 99 12.49 11.70 -16.80
C THR A 99 11.38 12.31 -15.95
N MET A 100 10.20 11.68 -15.94
CA MET A 100 9.14 12.17 -15.05
C MET A 100 9.54 12.05 -13.59
N ARG A 101 10.18 10.95 -13.20
CA ARG A 101 10.60 10.82 -11.81
C ARG A 101 11.64 11.88 -11.45
N ARG A 102 12.63 12.11 -12.32
CA ARG A 102 13.64 13.11 -12.04
C ARG A 102 13.08 14.53 -12.07
N ARG A 103 12.05 14.79 -12.87
CA ARG A 103 11.42 16.11 -12.88
C ARG A 103 10.51 16.30 -11.67
N LEU A 104 9.78 15.26 -11.26
CA LEU A 104 8.94 15.36 -10.08
C LEU A 104 9.80 15.57 -8.84
N PHE A 105 10.86 14.78 -8.68
CA PHE A 105 11.73 14.90 -7.52
C PHE A 105 12.39 16.26 -7.48
N GLY A 106 12.83 16.78 -8.62
CA GLY A 106 13.32 18.15 -8.68
C GLY A 106 12.26 19.17 -8.33
N HIS A 107 11.00 18.89 -8.66
CA HIS A 107 9.87 19.71 -8.26
C HIS A 107 9.27 19.25 -6.95
N MET A 108 10.02 18.52 -6.14
CA MET A 108 9.58 18.05 -4.82
C MET A 108 10.40 18.64 -3.68
N MET A 109 11.73 18.64 -3.80
CA MET A 109 12.57 19.19 -2.75
C MET A 109 12.44 20.70 -2.63
N GLY A 110 11.92 21.38 -3.65
CA GLY A 110 11.65 22.80 -3.57
C GLY A 110 10.24 23.11 -3.08
N MET A 111 9.37 22.10 -3.04
CA MET A 111 7.99 22.31 -2.64
C MET A 111 7.91 22.30 -1.11
N PRO A 112 7.29 23.34 -0.48
CA PRO A 112 7.51 23.56 0.96
C PRO A 112 6.97 22.45 1.86
N VAL A 113 7.28 22.54 3.16
CA VAL A 113 6.87 21.52 4.10
C VAL A 113 5.38 21.54 4.35
N SER A 114 4.70 22.66 4.02
CA SER A 114 3.25 22.71 4.16
C SER A 114 2.58 21.64 3.30
N PHE A 115 3.17 21.30 2.16
CA PHE A 115 2.68 20.17 1.39
C PHE A 115 2.92 18.86 2.12
N PHE A 116 4.10 18.71 2.74
CA PHE A 116 4.49 17.43 3.31
C PHE A 116 3.67 17.08 4.54
N ASP A 117 3.40 18.05 5.41
CA ASP A 117 2.90 17.70 6.74
C ASP A 117 1.42 17.33 6.72
N LYS A 118 0.57 18.18 6.12
CA LYS A 118 -0.89 18.01 6.19
C LYS A 118 -1.54 17.86 4.83
N GLN A 119 -1.14 18.64 3.83
CA GLN A 119 -1.73 18.53 2.51
C GLN A 119 -1.41 17.19 1.84
N SER A 120 -0.44 16.45 2.36
CA SER A 120 -0.14 15.13 1.85
C SER A 120 0.55 14.32 2.94
N THR A 121 0.70 13.01 2.67
CA THR A 121 1.27 12.06 3.62
C THR A 121 2.42 11.33 2.95
N GLY A 122 2.91 10.25 3.55
CA GLY A 122 4.02 9.50 3.00
C GLY A 122 3.74 8.72 1.73
N THR A 123 2.55 8.88 1.13
CA THR A 123 2.22 8.26 -0.14
C THR A 123 2.87 8.96 -1.33
N LEU A 124 3.68 9.99 -1.11
CA LEU A 124 4.40 10.59 -2.21
C LEU A 124 5.46 9.66 -2.78
N LEU A 125 5.95 8.71 -1.99
CA LEU A 125 6.77 7.64 -2.54
C LEU A 125 5.98 6.86 -3.59
N SER A 126 4.71 6.56 -3.29
CA SER A 126 3.87 5.89 -4.27
C SER A 126 3.62 6.78 -5.48
N ARG A 127 3.37 8.08 -5.25
CA ARG A 127 3.15 8.99 -6.37
C ARG A 127 4.38 9.12 -7.25
N ILE A 128 5.59 8.97 -6.71
CA ILE A 128 6.79 8.95 -7.53
C ILE A 128 6.92 7.62 -8.26
N THR A 129 6.68 6.49 -7.58
CA THR A 129 7.02 5.18 -8.16
C THR A 129 5.85 4.61 -8.97
N TYR A 130 4.74 4.31 -8.32
CA TYR A 130 3.64 3.63 -8.98
C TYR A 130 2.88 4.57 -9.91
N ASP A 131 2.60 5.79 -9.45
CA ASP A 131 1.81 6.72 -10.24
C ASP A 131 2.57 7.30 -11.41
N SER A 132 3.88 7.07 -11.51
CA SER A 132 4.67 7.40 -12.69
C SER A 132 5.04 6.18 -13.51
N GLU A 133 5.11 4.99 -12.91
CA GLU A 133 5.25 3.78 -13.70
C GLU A 133 3.98 3.52 -14.49
N GLN A 134 2.82 3.73 -13.89
CA GLN A 134 1.55 3.45 -14.54
C GLN A 134 1.16 4.49 -15.57
N VAL A 135 1.88 5.60 -15.67
CA VAL A 135 1.66 6.52 -16.78
C VAL A 135 2.11 5.87 -18.08
N ALA A 136 3.37 5.47 -18.16
CA ALA A 136 3.93 4.89 -19.37
C ALA A 136 3.88 3.37 -19.38
N SER A 137 3.22 2.75 -18.40
CA SER A 137 2.81 1.36 -18.52
C SER A 137 1.36 1.22 -18.97
N SER A 138 0.67 2.34 -19.23
CA SER A 138 -0.68 2.33 -19.78
C SER A 138 -0.73 3.14 -21.07
N SER A 139 -0.04 4.29 -21.11
CA SER A 139 0.07 5.03 -22.35
C SER A 139 1.02 4.36 -23.33
N SER A 140 1.87 3.44 -22.87
CA SER A 140 2.61 2.56 -23.76
C SER A 140 1.82 1.31 -24.11
N GLY A 141 0.90 0.89 -23.24
CA GLY A 141 -0.04 -0.16 -23.60
C GLY A 141 -1.09 0.27 -24.60
N ALA A 142 -1.36 1.57 -24.67
CA ALA A 142 -2.21 2.16 -25.69
C ALA A 142 -1.42 2.56 -26.93
N LEU A 143 -0.19 2.05 -27.08
CA LEU A 143 0.52 2.07 -28.35
C LEU A 143 1.08 0.71 -28.74
N ILE A 144 1.38 -0.16 -27.77
CA ILE A 144 1.55 -1.58 -28.08
C ILE A 144 0.24 -2.13 -28.63
N THR A 145 -0.89 -1.65 -28.10
CA THR A 145 -2.19 -2.11 -28.55
C THR A 145 -2.64 -1.40 -29.82
N VAL A 146 -2.50 -0.07 -29.88
CA VAL A 146 -3.06 0.68 -31.00
C VAL A 146 -2.43 0.25 -32.32
N VAL A 147 -1.11 0.38 -32.44
CA VAL A 147 -0.49 0.09 -33.72
C VAL A 147 -0.60 -1.38 -34.07
N ARG A 148 -0.42 -2.27 -33.08
CA ARG A 148 -0.48 -3.71 -33.36
C ARG A 148 -1.88 -4.10 -33.83
N GLU A 149 -2.90 -3.73 -33.07
CA GLU A 149 -4.25 -4.19 -33.29
C GLU A 149 -5.02 -3.34 -34.30
N GLY A 150 -4.43 -2.24 -34.77
CA GLY A 150 -4.99 -1.48 -35.87
C GLY A 150 -4.21 -1.72 -37.15
N ALA A 151 -3.06 -2.38 -37.05
CA ALA A 151 -2.37 -2.94 -38.20
C ALA A 151 -2.85 -4.34 -38.52
N SER A 152 -3.12 -5.16 -37.49
CA SER A 152 -3.67 -6.48 -37.73
C SER A 152 -5.02 -6.38 -38.43
N ILE A 153 -5.89 -5.48 -37.96
CA ILE A 153 -7.20 -5.32 -38.58
C ILE A 153 -7.06 -4.85 -40.01
N ILE A 154 -6.21 -3.85 -40.26
CA ILE A 154 -6.12 -3.30 -41.60
C ILE A 154 -5.52 -4.32 -42.56
N GLY A 155 -4.47 -5.02 -42.13
CA GLY A 155 -3.90 -6.05 -42.97
C GLY A 155 -4.87 -7.18 -43.24
N LEU A 156 -5.62 -7.59 -42.22
CA LEU A 156 -6.60 -8.65 -42.41
C LEU A 156 -7.69 -8.21 -43.38
N PHE A 157 -8.14 -6.96 -43.28
CA PHE A 157 -9.18 -6.48 -44.18
C PHE A 157 -8.68 -6.39 -45.62
N ILE A 158 -7.44 -5.93 -45.81
CA ILE A 158 -6.88 -5.91 -47.16
C ILE A 158 -6.77 -7.32 -47.69
N MET A 159 -6.38 -8.26 -46.83
CA MET A 159 -6.28 -9.67 -47.23
C MET A 159 -7.65 -10.25 -47.56
N MET A 160 -8.69 -9.85 -46.82
CA MET A 160 -10.05 -10.23 -47.18
C MET A 160 -10.38 -9.72 -48.57
N PHE A 161 -10.12 -8.44 -48.83
CA PHE A 161 -10.50 -7.86 -50.11
C PHE A 161 -9.78 -8.54 -51.26
N TYR A 162 -8.50 -8.89 -51.08
CA TYR A 162 -7.78 -9.51 -52.18
C TYR A 162 -8.22 -10.94 -52.44
N TYR A 163 -8.55 -11.69 -51.39
CA TYR A 163 -8.78 -13.12 -51.50
C TYR A 163 -10.24 -13.47 -51.76
N SER A 164 -11.17 -12.80 -51.08
CA SER A 164 -12.60 -13.01 -51.33
C SER A 164 -13.30 -11.67 -51.09
N TRP A 165 -13.41 -10.88 -52.16
CA TRP A 165 -14.06 -9.58 -52.08
C TRP A 165 -15.58 -9.70 -52.12
N GLN A 166 -16.11 -10.83 -52.60
CA GLN A 166 -17.55 -10.99 -52.73
C GLN A 166 -18.23 -11.34 -51.42
N LEU A 167 -17.47 -11.65 -50.36
CA LEU A 167 -18.04 -11.80 -49.02
C LEU A 167 -17.31 -10.98 -47.98
N SER A 168 -16.22 -10.29 -48.33
CA SER A 168 -15.61 -9.35 -47.41
C SER A 168 -16.46 -8.10 -47.21
N ILE A 169 -17.25 -7.72 -48.22
CA ILE A 169 -18.16 -6.59 -48.04
C ILE A 169 -19.17 -6.90 -46.94
N ILE A 170 -19.60 -8.16 -46.82
CA ILE A 170 -20.46 -8.55 -45.72
C ILE A 170 -19.77 -8.26 -44.40
N LEU A 171 -18.48 -8.60 -44.30
CA LEU A 171 -17.73 -8.31 -43.10
C LEU A 171 -17.65 -6.81 -42.83
N ILE A 172 -17.38 -6.01 -43.85
CA ILE A 172 -17.15 -4.59 -43.61
C ILE A 172 -18.45 -3.88 -43.26
N VAL A 173 -19.59 -4.34 -43.78
CA VAL A 173 -20.88 -3.77 -43.37
C VAL A 173 -21.34 -4.32 -42.02
N LEU A 174 -20.89 -5.52 -41.65
CA LEU A 174 -21.21 -6.10 -40.35
C LEU A 174 -20.33 -5.60 -39.23
N ALA A 175 -19.19 -4.99 -39.57
CA ALA A 175 -18.22 -4.56 -38.56
C ALA A 175 -18.80 -3.67 -37.47
N PRO A 176 -19.53 -2.58 -37.75
CA PRO A 176 -19.92 -1.67 -36.67
C PRO A 176 -20.78 -2.28 -35.58
N ILE A 177 -21.63 -3.26 -35.90
CA ILE A 177 -22.47 -3.87 -34.87
C ILE A 177 -21.60 -4.57 -33.83
N VAL A 178 -20.66 -5.42 -34.27
CA VAL A 178 -19.77 -6.08 -33.34
C VAL A 178 -18.76 -5.12 -32.74
N SER A 179 -18.51 -3.97 -33.40
CA SER A 179 -17.59 -2.98 -32.86
C SER A 179 -18.21 -2.18 -31.71
N ILE A 180 -19.52 -1.91 -31.76
CA ILE A 180 -20.19 -1.17 -30.70
C ILE A 180 -20.81 -2.07 -29.64
N ALA A 181 -21.07 -3.35 -29.96
CA ALA A 181 -21.54 -4.26 -28.92
C ALA A 181 -20.50 -4.41 -27.82
N ILE A 182 -19.24 -4.59 -28.22
CA ILE A 182 -18.15 -4.67 -27.24
C ILE A 182 -18.09 -3.39 -26.42
N ARG A 183 -18.28 -2.23 -27.06
CA ARG A 183 -18.15 -0.98 -26.33
C ARG A 183 -19.27 -0.81 -25.31
N VAL A 184 -20.52 -1.10 -25.68
CA VAL A 184 -21.61 -0.93 -24.73
C VAL A 184 -21.51 -1.94 -23.61
N VAL A 185 -21.11 -3.19 -23.93
CA VAL A 185 -20.95 -4.20 -22.89
C VAL A 185 -19.87 -3.78 -21.90
N SER A 186 -18.73 -3.32 -22.41
CA SER A 186 -17.65 -2.88 -21.53
C SER A 186 -18.05 -1.63 -20.76
N LYS A 187 -18.89 -0.75 -21.34
CA LYS A 187 -19.35 0.41 -20.60
C LYS A 187 -20.21 0.00 -19.42
N ARG A 188 -21.12 -0.96 -19.62
CA ARG A 188 -21.91 -1.47 -18.50
C ARG A 188 -21.00 -2.11 -17.46
N PHE A 189 -20.03 -2.89 -17.92
CA PHE A 189 -19.08 -3.55 -17.02
C PHE A 189 -18.36 -2.51 -16.16
N ARG A 190 -17.78 -1.50 -16.77
CA ARG A 190 -16.95 -0.54 -16.07
C ARG A 190 -17.76 0.44 -15.23
N ASN A 191 -19.00 0.73 -15.62
CA ASN A 191 -19.87 1.52 -14.77
C ASN A 191 -20.30 0.73 -13.54
N ILE A 192 -20.52 -0.58 -13.69
CA ILE A 192 -20.79 -1.41 -12.53
C ILE A 192 -19.55 -1.50 -11.64
N SER A 193 -18.35 -1.43 -12.24
CA SER A 193 -17.12 -1.62 -11.49
C SER A 193 -16.94 -0.56 -10.41
N LYS A 194 -17.21 0.70 -10.71
CA LYS A 194 -17.00 1.75 -9.72
C LYS A 194 -18.04 1.72 -8.60
N ASN A 195 -19.18 1.07 -8.81
CA ASN A 195 -20.21 1.04 -7.78
C ASN A 195 -19.80 0.21 -6.57
N MET A 196 -19.15 -0.93 -6.78
CA MET A 196 -18.67 -1.74 -5.68
C MET A 196 -17.45 -1.16 -4.98
N GLN A 197 -16.81 -0.13 -5.55
CA GLN A 197 -15.68 0.48 -4.87
C GLN A 197 -16.10 1.06 -3.53
N ASN A 198 -17.32 1.58 -3.45
CA ASN A 198 -17.84 2.07 -2.18
C ASN A 198 -17.94 0.95 -1.15
N THR A 199 -18.45 -0.22 -1.56
CA THR A 199 -18.59 -1.33 -0.63
C THR A 199 -17.22 -1.87 -0.22
N MET A 200 -16.28 -1.93 -1.16
CA MET A 200 -14.93 -2.35 -0.83
C MET A 200 -14.28 -1.39 0.17
N GLY A 201 -14.43 -0.09 -0.06
CA GLY A 201 -13.94 0.88 0.89
C GLY A 201 -14.61 0.77 2.25
N GLN A 202 -15.92 0.49 2.25
CA GLN A 202 -16.64 0.35 3.52
C GLN A 202 -16.14 -0.85 4.32
N VAL A 203 -15.98 -2.01 3.67
CA VAL A 203 -15.50 -3.17 4.41
C VAL A 203 -14.04 -2.98 4.83
N THR A 204 -13.22 -2.35 3.99
CA THR A 204 -11.85 -2.07 4.39
C THR A 204 -11.82 -1.15 5.60
N THR A 205 -12.67 -0.12 5.60
CA THR A 205 -12.75 0.79 6.73
C THR A 205 -13.19 0.05 7.99
N SER A 206 -14.19 -0.82 7.88
CA SER A 206 -14.62 -1.59 9.04
C SER A 206 -13.50 -2.47 9.56
N ALA A 207 -12.85 -3.21 8.67
CA ALA A 207 -11.82 -4.16 9.06
C ALA A 207 -10.58 -3.49 9.61
N GLU A 208 -10.28 -2.25 9.21
CA GLU A 208 -9.13 -1.54 9.76
C GLU A 208 -9.46 -0.76 11.02
N GLN A 209 -10.66 -0.17 11.12
CA GLN A 209 -11.02 0.59 12.33
C GLN A 209 -11.31 -0.35 13.49
N MET A 210 -12.07 -1.41 13.28
CA MET A 210 -12.32 -2.34 14.39
C MET A 210 -11.05 -3.07 14.79
N LEU A 211 -10.16 -3.36 13.84
CA LEU A 211 -8.89 -3.98 14.15
C LEU A 211 -7.92 -2.99 14.78
N LYS A 212 -7.91 -1.75 14.31
CA LYS A 212 -7.12 -0.71 14.98
C LYS A 212 -7.64 -0.44 16.38
N GLY A 213 -8.93 -0.67 16.61
CA GLY A 213 -9.52 -0.48 17.92
C GLY A 213 -9.48 -1.71 18.80
N HIS A 214 -8.40 -2.50 18.67
CA HIS A 214 -8.19 -3.64 19.55
C HIS A 214 -8.29 -3.21 21.01
N LYS A 215 -7.65 -2.09 21.33
CA LYS A 215 -7.99 -1.39 22.56
C LYS A 215 -9.38 -0.79 22.41
N GLU A 216 -10.21 -1.00 23.42
CA GLU A 216 -11.59 -0.55 23.58
C GLU A 216 -12.55 -1.48 22.81
N VAL A 217 -12.07 -2.44 22.01
CA VAL A 217 -12.91 -3.56 21.60
C VAL A 217 -12.62 -4.82 22.40
N LEU A 218 -11.43 -4.92 23.01
CA LEU A 218 -11.06 -6.07 23.84
C LEU A 218 -11.28 -5.83 25.32
N ILE A 219 -10.86 -4.66 25.83
CA ILE A 219 -10.98 -4.40 27.27
C ILE A 219 -12.45 -4.36 27.67
N PHE A 220 -13.33 -3.98 26.73
CA PHE A 220 -14.75 -3.85 27.01
C PHE A 220 -15.56 -5.10 26.69
N GLY A 221 -14.92 -6.22 26.39
CA GLY A 221 -15.61 -7.46 26.21
C GLY A 221 -16.34 -7.63 24.89
N GLY A 222 -16.28 -6.63 24.01
CA GLY A 222 -16.95 -6.75 22.73
C GLY A 222 -16.20 -7.63 21.76
N GLN A 223 -16.11 -8.93 22.07
CA GLN A 223 -15.44 -9.89 21.21
C GLN A 223 -16.45 -10.65 20.35
N GLU A 224 -17.42 -11.32 20.98
CA GLU A 224 -18.44 -12.04 20.22
C GLU A 224 -19.30 -11.08 19.42
N VAL A 225 -19.67 -9.94 20.02
CA VAL A 225 -20.46 -8.96 19.29
C VAL A 225 -19.66 -8.37 18.14
N GLU A 226 -18.37 -8.15 18.32
CA GLU A 226 -17.54 -7.65 17.24
C GLU A 226 -17.45 -8.66 16.09
N THR A 227 -17.31 -9.95 16.42
CA THR A 227 -17.31 -10.97 15.37
C THR A 227 -18.64 -11.03 14.65
N LYS A 228 -19.75 -10.92 15.40
CA LYS A 228 -21.06 -10.92 14.76
C LYS A 228 -21.23 -9.73 13.83
N ARG A 229 -20.67 -8.59 14.23
CA ARG A 229 -20.72 -7.40 13.34
C ARG A 229 -19.88 -7.71 12.09
N PHE A 230 -18.70 -8.31 12.27
CA PHE A 230 -17.84 -8.58 11.12
C PHE A 230 -18.49 -9.55 10.16
N ASP A 231 -19.34 -10.45 10.65
CA ASP A 231 -19.98 -11.43 9.78
C ASP A 231 -20.87 -10.74 8.75
N LYS A 232 -21.59 -9.68 9.15
CA LYS A 232 -22.47 -8.99 8.21
C LYS A 232 -21.68 -8.34 7.08
N VAL A 233 -20.57 -7.69 7.40
CA VAL A 233 -19.77 -7.09 6.33
C VAL A 233 -19.07 -8.16 5.50
N SER A 234 -18.72 -9.31 6.08
CA SER A 234 -18.21 -10.40 5.25
C SER A 234 -19.26 -10.88 4.28
N ASN A 235 -20.52 -10.98 4.72
CA ASN A 235 -21.61 -11.35 3.81
C ASN A 235 -21.76 -10.31 2.71
N ARG A 236 -21.74 -9.03 3.06
CA ARG A 236 -21.86 -7.99 2.06
C ARG A 236 -20.67 -7.95 1.11
N MET A 237 -19.51 -8.40 1.55
CA MET A 237 -18.37 -8.53 0.65
C MET A 237 -18.52 -9.72 -0.28
N ARG A 238 -18.99 -10.85 0.24
CA ARG A 238 -19.18 -12.03 -0.60
C ARG A 238 -20.24 -11.79 -1.66
N LEU A 239 -21.37 -11.17 -1.28
CA LEU A 239 -22.42 -10.89 -2.24
C LEU A 239 -21.94 -9.90 -3.30
N GLN A 240 -21.20 -8.88 -2.88
CA GLN A 240 -20.66 -7.93 -3.85
C GLN A 240 -19.67 -8.62 -4.79
N GLY A 241 -18.83 -9.52 -4.28
CA GLY A 241 -17.92 -10.23 -5.15
C GLY A 241 -18.66 -11.09 -6.15
N MET A 242 -19.74 -11.74 -5.71
CA MET A 242 -20.61 -12.48 -6.62
C MET A 242 -21.12 -11.57 -7.73
N LYS A 243 -21.67 -10.42 -7.36
CA LYS A 243 -22.21 -9.50 -8.35
C LYS A 243 -21.13 -9.00 -9.30
N MET A 244 -19.94 -8.69 -8.77
CA MET A 244 -18.86 -8.21 -9.62
C MET A 244 -18.43 -9.27 -10.62
N VAL A 245 -18.26 -10.51 -10.16
CA VAL A 245 -17.83 -11.56 -11.08
C VAL A 245 -18.91 -11.84 -12.11
N SER A 246 -20.19 -11.76 -11.70
CA SER A 246 -21.27 -11.94 -12.66
C SER A 246 -21.25 -10.84 -13.72
N ALA A 247 -21.04 -9.59 -13.30
CA ALA A 247 -21.02 -8.49 -14.25
C ALA A 247 -19.80 -8.55 -15.16
N SER A 248 -18.69 -9.11 -14.67
CA SER A 248 -17.51 -9.26 -15.52
C SER A 248 -17.66 -10.42 -16.51
N SER A 249 -18.25 -11.53 -16.09
CA SER A 249 -18.32 -12.74 -16.89
C SER A 249 -19.61 -12.88 -17.68
N ILE A 250 -20.54 -11.94 -17.56
CA ILE A 250 -21.61 -11.84 -18.55
C ILE A 250 -21.07 -11.23 -19.84
N SER A 251 -20.00 -10.45 -19.75
CA SER A 251 -19.51 -9.69 -20.89
C SER A 251 -18.95 -10.59 -21.98
N ASP A 252 -17.88 -11.32 -21.67
CA ASP A 252 -17.18 -12.08 -22.71
C ASP A 252 -18.05 -13.13 -23.38
N PRO A 253 -18.86 -13.93 -22.67
CA PRO A 253 -19.73 -14.88 -23.38
C PRO A 253 -20.68 -14.23 -24.37
N ILE A 254 -21.32 -13.12 -24.01
CA ILE A 254 -22.29 -12.52 -24.92
C ILE A 254 -21.58 -11.83 -26.07
N ILE A 255 -20.40 -11.25 -25.84
CA ILE A 255 -19.62 -10.69 -26.94
C ILE A 255 -19.23 -11.79 -27.91
N GLN A 256 -18.75 -12.92 -27.39
CA GLN A 256 -18.38 -14.03 -28.25
C GLN A 256 -19.60 -14.62 -28.96
N LEU A 257 -20.77 -14.54 -28.35
CA LEU A 257 -21.97 -15.03 -29.01
C LEU A 257 -22.43 -14.11 -30.13
N ILE A 258 -22.32 -12.79 -29.96
CA ILE A 258 -22.57 -11.89 -31.07
C ILE A 258 -21.58 -12.15 -32.19
N ALA A 259 -20.31 -12.32 -31.83
CA ALA A 259 -19.30 -12.70 -32.81
C ALA A 259 -19.63 -14.02 -33.49
N SER A 260 -20.23 -14.95 -32.75
CA SER A 260 -20.67 -16.22 -33.32
C SER A 260 -21.83 -16.03 -34.28
N LEU A 261 -22.74 -15.11 -33.96
CA LEU A 261 -23.80 -14.77 -34.91
C LEU A 261 -23.21 -14.21 -36.19
N ALA A 262 -22.13 -13.44 -36.08
CA ALA A 262 -21.44 -12.98 -37.28
C ALA A 262 -20.84 -14.15 -38.06
N LEU A 263 -20.25 -15.12 -37.34
CA LEU A 263 -19.72 -16.31 -38.01
C LEU A 263 -20.82 -17.04 -38.75
N ALA A 264 -21.96 -17.21 -38.10
CA ALA A 264 -23.11 -17.83 -38.76
C ALA A 264 -23.58 -17.02 -39.95
N PHE A 265 -23.49 -15.69 -39.88
CA PHE A 265 -23.88 -14.86 -41.00
C PHE A 265 -22.98 -15.11 -42.21
N VAL A 266 -21.67 -15.13 -41.99
CA VAL A 266 -20.77 -15.36 -43.13
C VAL A 266 -20.94 -16.78 -43.67
N LEU A 267 -21.21 -17.75 -42.79
CA LEU A 267 -21.46 -19.11 -43.29
C LEU A 267 -22.79 -19.21 -44.03
N TYR A 268 -23.81 -18.47 -43.59
CA TYR A 268 -25.06 -18.39 -44.34
C TYR A 268 -24.83 -17.82 -45.73
N ALA A 269 -24.04 -16.76 -45.81
CA ALA A 269 -23.65 -16.22 -47.11
C ALA A 269 -22.84 -17.22 -47.92
N ALA A 270 -22.09 -18.11 -47.26
CA ALA A 270 -21.26 -19.07 -47.97
C ALA A 270 -22.07 -20.17 -48.64
N SER A 271 -23.36 -20.29 -48.33
CA SER A 271 -24.18 -21.36 -48.88
C SER A 271 -24.84 -21.00 -50.21
N PHE A 272 -24.99 -19.71 -50.51
CA PHE A 272 -25.67 -19.32 -51.74
C PHE A 272 -24.84 -19.71 -52.96
N PRO A 273 -25.47 -19.88 -54.12
CA PRO A 273 -24.74 -20.30 -55.32
C PRO A 273 -24.09 -19.18 -56.12
N SER A 274 -24.14 -17.95 -55.64
CA SER A 274 -23.47 -16.83 -56.30
C SER A 274 -22.03 -16.66 -55.83
N VAL A 275 -21.75 -16.97 -54.57
CA VAL A 275 -20.40 -16.82 -54.03
C VAL A 275 -19.54 -18.07 -54.25
N MET A 276 -20.13 -19.19 -54.67
CA MET A 276 -19.34 -20.34 -55.05
C MET A 276 -18.78 -20.15 -56.46
N ASP A 277 -17.73 -20.92 -56.77
CA ASP A 277 -16.90 -20.82 -57.96
C ASP A 277 -15.93 -19.65 -57.91
N SER A 278 -16.03 -18.77 -56.89
CA SER A 278 -14.99 -17.81 -56.55
C SER A 278 -14.57 -18.00 -55.10
N LEU A 279 -14.77 -19.22 -54.57
CA LEU A 279 -14.50 -19.53 -53.17
C LEU A 279 -14.12 -21.01 -53.10
N THR A 280 -12.82 -21.28 -53.14
CA THR A 280 -12.31 -22.64 -53.11
C THR A 280 -11.95 -23.04 -51.68
N ALA A 281 -11.43 -24.27 -51.52
CA ALA A 281 -11.20 -24.81 -50.18
C ALA A 281 -10.15 -24.00 -49.43
N GLY A 282 -9.05 -23.65 -50.07
CA GLY A 282 -8.05 -22.83 -49.41
C GLY A 282 -8.54 -21.41 -49.16
N THR A 283 -9.23 -20.82 -50.14
CA THR A 283 -9.69 -19.44 -50.02
C THR A 283 -10.67 -19.28 -48.87
N ILE A 284 -11.66 -20.17 -48.77
CA ILE A 284 -12.59 -20.05 -47.65
C ILE A 284 -11.86 -20.39 -46.36
N THR A 285 -10.91 -21.33 -46.39
CA THR A 285 -10.19 -21.69 -45.17
C THR A 285 -9.50 -20.47 -44.57
N VAL A 286 -8.72 -19.76 -45.38
CA VAL A 286 -8.05 -18.56 -44.89
C VAL A 286 -9.06 -17.47 -44.52
N VAL A 287 -10.10 -17.29 -45.34
CA VAL A 287 -11.05 -16.21 -45.11
C VAL A 287 -11.81 -16.41 -43.81
N PHE A 288 -12.24 -17.64 -43.55
CA PHE A 288 -12.99 -17.95 -42.34
C PHE A 288 -12.08 -18.19 -41.14
N SER A 289 -10.77 -18.37 -41.34
CA SER A 289 -9.85 -18.32 -40.21
C SER A 289 -9.55 -16.90 -39.77
N SER A 290 -9.56 -15.94 -40.70
CA SER A 290 -9.40 -14.55 -40.29
C SER A 290 -10.54 -14.10 -39.39
N MET A 291 -11.73 -14.70 -39.52
CA MET A 291 -12.85 -14.39 -38.63
C MET A 291 -12.42 -14.59 -37.18
N ILE A 292 -11.70 -15.69 -36.94
CA ILE A 292 -11.24 -16.02 -35.59
C ILE A 292 -10.02 -15.18 -35.24
N ALA A 293 -9.16 -14.94 -36.23
CA ALA A 293 -7.98 -14.13 -36.02
C ALA A 293 -8.32 -12.72 -35.55
N LEU A 294 -9.47 -12.20 -35.96
CA LEU A 294 -9.87 -10.83 -35.67
C LEU A 294 -10.48 -10.64 -34.29
N MET A 295 -10.42 -11.65 -33.41
CA MET A 295 -11.09 -11.52 -32.12
C MET A 295 -10.36 -10.54 -31.19
N ARG A 296 -9.07 -10.79 -30.92
CA ARG A 296 -8.35 -9.88 -30.06
C ARG A 296 -8.21 -8.48 -30.65
N PRO A 297 -7.93 -8.30 -31.95
CA PRO A 297 -7.83 -6.92 -32.47
C PRO A 297 -9.06 -6.05 -32.23
N LEU A 298 -10.24 -6.48 -32.69
CA LEU A 298 -11.41 -5.62 -32.54
C LEU A 298 -11.91 -5.58 -31.10
N LYS A 299 -11.53 -6.54 -30.27
CA LYS A 299 -11.85 -6.47 -28.85
C LYS A 299 -11.00 -5.42 -28.15
N SER A 300 -9.71 -5.36 -28.49
CA SER A 300 -8.80 -4.45 -27.80
C SER A 300 -8.85 -3.04 -28.37
N LEU A 301 -9.21 -2.88 -29.65
CA LEU A 301 -9.23 -1.55 -30.24
C LEU A 301 -10.33 -0.67 -29.67
N THR A 302 -11.31 -1.25 -28.96
CA THR A 302 -12.34 -0.50 -28.26
C THR A 302 -12.09 -0.38 -26.77
N ASN A 303 -11.32 -1.30 -26.19
CA ASN A 303 -10.85 -1.17 -24.81
C ASN A 303 -9.59 -0.32 -24.69
N VAL A 304 -9.06 0.16 -25.82
CA VAL A 304 -7.91 1.08 -25.77
C VAL A 304 -8.26 2.31 -24.93
N ASN A 305 -9.43 2.91 -25.15
CA ASN A 305 -9.80 4.12 -24.46
C ASN A 305 -10.05 3.90 -22.97
N ALA A 306 -10.16 2.65 -22.53
CA ALA A 306 -10.23 2.36 -21.10
C ALA A 306 -8.87 2.47 -20.41
N GLN A 307 -7.77 2.56 -21.17
CA GLN A 307 -6.43 2.71 -20.62
C GLN A 307 -5.72 3.97 -21.08
N PHE A 308 -5.96 4.42 -22.31
CA PHE A 308 -5.29 5.63 -22.78
C PHE A 308 -5.71 6.86 -21.98
N GLN A 309 -6.99 6.96 -21.62
CA GLN A 309 -7.49 8.06 -20.80
C GLN A 309 -7.45 7.74 -19.31
N ARG A 310 -6.94 6.56 -18.93
CA ARG A 310 -6.73 6.20 -17.54
C ARG A 310 -5.28 6.42 -17.11
N GLY A 311 -4.32 5.95 -17.91
CA GLY A 311 -2.95 6.36 -17.71
C GLY A 311 -2.78 7.86 -17.87
N MET A 312 -3.53 8.47 -18.80
CA MET A 312 -3.49 9.91 -18.93
C MET A 312 -4.11 10.58 -17.70
N ALA A 313 -5.10 9.97 -17.07
CA ALA A 313 -5.64 10.53 -15.84
C ALA A 313 -4.64 10.43 -14.71
N ALA A 314 -3.90 9.32 -14.62
CA ALA A 314 -2.83 9.22 -13.64
C ALA A 314 -1.77 10.29 -13.89
N CYS A 315 -1.41 10.50 -15.16
CA CYS A 315 -0.49 11.58 -15.49
C CYS A 315 -1.08 12.94 -15.16
N GLN A 316 -2.40 13.08 -15.22
CA GLN A 316 -3.03 14.34 -14.83
C GLN A 316 -2.92 14.57 -13.33
N THR A 317 -3.04 13.51 -12.54
CA THR A 317 -2.77 13.63 -11.11
C THR A 317 -1.32 14.02 -10.86
N LEU A 318 -0.39 13.38 -11.59
CA LEU A 318 1.01 13.76 -11.48
C LEU A 318 1.22 15.22 -11.89
N PHE A 319 0.45 15.71 -12.85
CA PHE A 319 0.57 17.11 -13.27
C PHE A 319 -0.06 18.06 -12.27
N THR A 320 -1.08 17.63 -11.53
CA THR A 320 -1.52 18.42 -10.39
C THR A 320 -0.43 18.53 -9.35
N ILE A 321 0.29 17.43 -9.10
CA ILE A 321 1.43 17.48 -8.19
C ILE A 321 2.50 18.43 -8.72
N LEU A 322 2.81 18.31 -10.01
CA LEU A 322 3.96 19.00 -10.60
C LEU A 322 3.71 20.49 -10.80
N ASP A 323 2.51 20.86 -11.27
CA ASP A 323 2.21 22.24 -11.61
C ASP A 323 1.82 23.09 -10.40
N SER A 324 2.08 22.61 -9.19
CA SER A 324 1.88 23.40 -7.99
C SER A 324 3.01 24.41 -7.87
N GLU A 325 3.09 25.09 -6.74
CA GLU A 325 4.05 26.17 -6.53
C GLU A 325 5.13 25.75 -5.54
N GLN A 326 6.37 26.12 -5.85
CA GLN A 326 7.47 26.03 -4.91
C GLN A 326 7.27 27.07 -3.82
N GLU A 327 8.08 26.98 -2.76
CA GLU A 327 8.10 28.06 -1.78
C GLU A 327 8.48 29.35 -2.48
N LYS A 328 7.77 30.43 -2.14
CA LYS A 328 7.98 31.69 -2.83
C LYS A 328 9.33 32.28 -2.45
N ASP A 329 10.33 32.04 -3.30
CA ASP A 329 11.71 32.47 -3.02
C ASP A 329 11.91 33.88 -3.59
N GLU A 330 11.26 34.84 -2.92
CA GLU A 330 11.32 36.24 -3.32
C GLU A 330 12.41 36.92 -2.49
N GLY A 331 13.64 36.76 -2.96
CA GLY A 331 14.78 37.34 -2.29
C GLY A 331 16.01 37.43 -3.19
N LYS A 332 16.80 38.48 -3.03
CA LYS A 332 17.99 38.72 -3.85
C LYS A 332 19.15 39.22 -3.00
N ARG A 333 19.36 38.60 -1.83
CA ARG A 333 20.42 39.01 -0.91
C ARG A 333 21.11 37.78 -0.34
N VAL A 334 22.42 37.90 -0.16
CA VAL A 334 23.26 36.86 0.41
C VAL A 334 23.85 37.36 1.72
N ILE A 335 24.09 36.42 2.63
CA ILE A 335 24.69 36.71 3.93
C ILE A 335 25.72 35.62 4.23
N GLU A 336 26.88 36.03 4.75
CA GLU A 336 27.97 35.12 5.04
C GLU A 336 28.17 34.91 6.53
N ARG A 337 27.75 35.86 7.35
CA ARG A 337 27.84 35.72 8.81
C ARG A 337 26.74 36.58 9.42
N ALA A 338 25.70 35.96 9.95
CA ALA A 338 24.57 36.67 10.53
C ALA A 338 24.97 37.20 11.90
N THR A 339 25.83 38.23 11.88
CA THR A 339 26.33 38.81 13.12
C THR A 339 25.23 39.50 13.91
N GLY A 340 24.30 40.16 13.24
CA GLY A 340 23.30 40.96 13.91
C GLY A 340 22.31 40.11 14.68
N ASP A 341 21.57 40.80 15.55
CA ASP A 341 20.55 40.15 16.36
C ASP A 341 19.45 39.58 15.49
N VAL A 342 18.92 38.43 15.89
CA VAL A 342 17.74 37.82 15.27
C VAL A 342 16.58 38.03 16.25
N GLU A 343 15.56 38.77 15.81
CA GLU A 343 14.47 39.21 16.66
C GLU A 343 13.12 38.92 16.02
N PHE A 344 12.12 38.74 16.88
CA PHE A 344 10.73 38.60 16.48
C PHE A 344 9.92 39.74 17.08
N ARG A 345 9.08 40.37 16.26
CA ARG A 345 8.22 41.46 16.69
C ARG A 345 6.81 41.20 16.19
N ASN A 346 5.84 41.24 17.12
CA ASN A 346 4.39 41.02 16.95
C ASN A 346 4.09 40.04 15.82
N VAL A 347 4.69 38.86 15.87
CA VAL A 347 4.47 37.83 14.86
C VAL A 347 3.28 36.98 15.27
N THR A 348 2.29 36.90 14.39
CA THR A 348 1.13 36.01 14.55
C THR A 348 1.13 35.03 13.39
N PHE A 349 0.95 33.75 13.70
CA PHE A 349 1.09 32.69 12.71
C PHE A 349 0.06 31.59 12.97
N THR A 350 -0.49 31.06 11.89
CA THR A 350 -1.39 29.91 11.91
C THR A 350 -0.87 28.86 10.94
N TYR A 351 -0.88 27.61 11.37
CA TYR A 351 -0.49 26.53 10.47
C TYR A 351 -1.51 26.45 9.33
N PRO A 352 -1.08 26.07 8.10
CA PRO A 352 -2.08 25.81 7.06
C PRO A 352 -2.95 24.62 7.41
N GLY A 353 -4.26 24.84 7.50
CA GLY A 353 -5.19 23.81 7.90
C GLY A 353 -5.59 23.81 9.36
N ARG A 354 -5.28 24.87 10.10
CA ARG A 354 -5.68 25.00 11.50
C ARG A 354 -6.17 26.42 11.75
N ASP A 355 -7.30 26.52 12.46
CA ASP A 355 -7.91 27.82 12.74
C ASP A 355 -7.37 28.46 14.01
N VAL A 356 -7.24 27.69 15.08
CA VAL A 356 -6.71 28.24 16.33
C VAL A 356 -5.23 28.57 16.14
N PRO A 357 -4.78 29.82 16.34
CA PRO A 357 -3.35 30.12 16.13
C PRO A 357 -2.48 29.39 17.14
N ALA A 358 -1.52 28.62 16.62
CA ALA A 358 -0.52 28.00 17.48
C ALA A 358 0.49 29.02 17.99
N LEU A 359 0.62 30.17 17.32
CA LEU A 359 1.52 31.24 17.76
C LEU A 359 0.79 32.56 17.58
N ARG A 360 0.43 33.19 18.69
CA ARG A 360 -0.17 34.51 18.72
C ARG A 360 0.96 35.55 18.68
N ASN A 361 0.62 36.82 18.92
CA ASN A 361 1.60 37.90 18.83
C ASN A 361 2.80 37.64 19.73
N ILE A 362 4.00 37.82 19.18
CA ILE A 362 5.25 37.52 19.86
C ILE A 362 6.18 38.72 19.74
N ASN A 363 6.95 38.98 20.78
CA ASN A 363 7.97 40.02 20.80
C ASN A 363 9.30 39.47 21.29
N LEU A 364 9.56 38.19 21.01
CA LEU A 364 10.78 37.53 21.46
C LEU A 364 11.97 38.07 20.68
N LYS A 365 13.09 38.25 21.38
CA LYS A 365 14.35 38.71 20.80
C LYS A 365 15.46 37.77 21.23
N ILE A 366 16.22 37.29 20.25
CA ILE A 366 17.36 36.40 20.49
C ILE A 366 18.63 37.24 20.33
N PRO A 367 19.28 37.64 21.42
CA PRO A 367 20.46 38.51 21.27
C PRO A 367 21.70 37.74 20.84
N ALA A 368 22.68 38.49 20.35
CA ALA A 368 23.95 37.92 19.93
C ALA A 368 24.78 37.56 21.16
N GLY A 369 25.32 36.34 21.15
CA GLY A 369 26.15 35.88 22.25
C GLY A 369 25.41 35.43 23.48
N LYS A 370 24.08 35.41 23.45
CA LYS A 370 23.25 34.98 24.57
C LYS A 370 22.21 33.99 24.07
N THR A 371 21.90 33.00 24.89
CA THR A 371 20.99 31.92 24.53
C THR A 371 19.62 32.12 25.17
N VAL A 372 18.60 31.67 24.45
CA VAL A 372 17.22 31.66 24.92
C VAL A 372 16.74 30.22 24.92
N ALA A 373 16.09 29.81 26.01
CA ALA A 373 15.73 28.42 26.24
C ALA A 373 14.23 28.30 26.48
N LEU A 374 13.71 27.10 26.22
CA LEU A 374 12.29 26.82 26.34
C LEU A 374 12.10 25.40 26.85
N VAL A 375 10.91 25.15 27.41
CA VAL A 375 10.54 23.84 27.95
C VAL A 375 9.26 23.39 27.25
N GLY A 376 9.26 22.16 26.75
CA GLY A 376 8.16 21.67 25.92
C GLY A 376 7.17 20.77 26.64
N ARG A 377 6.90 21.05 27.91
CA ARG A 377 5.87 20.28 28.60
C ARG A 377 4.48 20.61 28.06
N SER A 378 4.23 21.90 27.77
CA SER A 378 2.93 22.30 27.26
C SER A 378 2.75 21.92 25.80
N GLY A 379 3.83 21.92 25.03
CA GLY A 379 3.74 21.59 23.62
C GLY A 379 2.95 22.59 22.79
N SER A 380 3.05 23.87 23.14
CA SER A 380 2.38 24.95 22.42
C SER A 380 3.42 25.96 21.97
N GLY A 381 3.49 26.21 20.67
CA GLY A 381 4.42 27.18 20.12
C GLY A 381 5.88 26.81 20.31
N LYS A 382 6.20 25.52 20.33
CA LYS A 382 7.56 25.04 20.50
C LYS A 382 8.25 24.71 19.19
N SER A 383 7.56 24.04 18.27
CA SER A 383 8.10 23.72 16.97
C SER A 383 7.77 24.78 15.92
N THR A 384 6.62 25.44 16.02
CA THR A 384 6.27 26.48 15.07
C THR A 384 7.20 27.69 15.16
N ILE A 385 7.79 27.95 16.33
CA ILE A 385 8.80 28.98 16.44
C ILE A 385 10.15 28.46 15.98
N ALA A 386 10.44 27.17 16.23
CA ALA A 386 11.66 26.58 15.71
C ALA A 386 11.64 26.53 14.18
N SER A 387 10.49 26.19 13.60
CA SER A 387 10.36 26.04 12.16
C SER A 387 9.99 27.34 11.45
N LEU A 388 10.26 28.49 12.07
CA LEU A 388 10.03 29.80 11.47
C LEU A 388 11.31 30.52 11.09
N ILE A 389 12.42 30.24 11.77
CA ILE A 389 13.71 30.79 11.33
C ILE A 389 14.13 30.13 10.02
N THR A 390 13.76 28.87 9.83
CA THR A 390 14.17 28.11 8.66
C THR A 390 13.25 28.32 7.45
N ARG A 391 12.20 29.13 7.58
CA ARG A 391 11.24 29.37 6.50
C ARG A 391 10.58 28.06 6.03
N PHE A 392 10.47 27.09 6.94
CA PHE A 392 9.68 25.91 6.64
C PHE A 392 8.22 26.28 6.43
N TYR A 393 7.69 27.15 7.29
CA TYR A 393 6.39 27.78 7.10
C TYR A 393 6.59 29.28 7.05
N ASP A 394 6.12 29.91 5.98
CA ASP A 394 6.34 31.33 5.81
C ASP A 394 5.54 32.12 6.84
N ILE A 395 6.03 33.32 7.15
CA ILE A 395 5.41 34.15 8.17
C ILE A 395 4.01 34.54 7.71
N ASP A 396 3.02 34.30 8.58
CA ASP A 396 1.66 34.71 8.26
C ASP A 396 1.49 36.22 8.42
N GLU A 397 2.03 36.79 9.49
CA GLU A 397 1.83 38.20 9.77
C GLU A 397 2.83 38.60 10.86
N GLY A 398 3.53 39.70 10.60
CA GLY A 398 4.45 40.27 11.57
C GLY A 398 5.76 40.72 10.97
N GLU A 399 6.81 40.73 11.80
CA GLU A 399 8.15 41.13 11.38
C GLU A 399 9.15 40.13 11.94
N ILE A 400 10.00 39.58 11.07
CA ILE A 400 11.10 38.72 11.45
C ILE A 400 12.38 39.42 11.04
N LEU A 401 13.26 39.68 12.01
CA LEU A 401 14.41 40.55 11.82
C LEU A 401 15.69 39.72 11.78
N MET A 402 16.52 39.99 10.77
CA MET A 402 17.83 39.38 10.60
C MET A 402 18.81 40.50 10.29
N ASP A 403 19.60 40.90 11.29
CA ASP A 403 20.58 41.97 11.13
C ASP A 403 19.91 43.29 10.72
N GLY A 404 18.71 43.54 11.24
CA GLY A 404 17.97 44.74 10.90
C GLY A 404 17.20 44.68 9.60
N HIS A 405 17.31 43.58 8.85
CA HIS A 405 16.60 43.39 7.59
C HIS A 405 15.55 42.29 7.76
N ASP A 406 14.48 42.41 6.98
CA ASP A 406 13.40 41.44 7.09
C ASP A 406 13.83 40.08 6.53
N LEU A 407 13.05 39.07 6.87
CA LEU A 407 13.38 37.71 6.46
C LEU A 407 13.35 37.55 4.95
N ARG A 408 12.37 38.16 4.30
CA ARG A 408 12.23 38.02 2.85
C ARG A 408 13.38 38.66 2.07
N GLU A 409 14.18 39.51 2.70
CA GLU A 409 15.30 40.12 1.99
C GLU A 409 16.31 39.07 1.56
N TYR A 410 16.62 38.12 2.44
CA TYR A 410 17.51 37.03 2.09
C TYR A 410 16.77 35.99 1.26
N THR A 411 17.50 35.38 0.33
CA THR A 411 16.99 34.24 -0.41
C THR A 411 17.15 32.96 0.42
N LEU A 412 16.36 31.94 0.06
CA LEU A 412 16.30 30.73 0.88
C LEU A 412 17.64 30.01 0.92
N ALA A 413 18.32 29.92 -0.21
CA ALA A 413 19.60 29.22 -0.24
C ALA A 413 20.63 29.89 0.66
N SER A 414 20.68 31.22 0.62
CA SER A 414 21.60 31.94 1.50
C SER A 414 21.18 31.82 2.96
N LEU A 415 19.88 31.88 3.25
CA LEU A 415 19.41 31.91 4.63
C LEU A 415 19.57 30.56 5.32
N ARG A 416 19.20 29.47 4.66
CA ARG A 416 19.13 28.19 5.34
C ARG A 416 20.51 27.67 5.79
N ASN A 417 21.59 28.25 5.26
CA ASN A 417 22.90 27.98 5.84
C ASN A 417 23.03 28.64 7.20
N GLN A 418 22.35 29.77 7.40
CA GLN A 418 22.54 30.56 8.62
C GLN A 418 21.90 29.90 9.85
N VAL A 419 21.13 28.84 9.67
CA VAL A 419 20.53 28.11 10.77
C VAL A 419 20.92 26.64 10.66
N ALA A 420 20.86 25.94 11.78
CA ALA A 420 21.20 24.52 11.82
C ALA A 420 20.51 23.90 13.03
N LEU A 421 19.57 22.99 12.78
CA LEU A 421 18.80 22.39 13.86
C LEU A 421 19.55 21.21 14.45
N VAL A 422 19.35 21.01 15.76
CA VAL A 422 19.93 19.91 16.51
C VAL A 422 18.79 19.22 17.25
N SER A 423 18.61 17.92 17.00
CA SER A 423 17.51 17.17 17.58
C SER A 423 17.96 15.77 17.91
N GLN A 424 17.37 15.20 18.98
CA GLN A 424 17.65 13.82 19.33
C GLN A 424 17.20 12.88 18.23
N ASN A 425 15.94 13.00 17.80
CA ASN A 425 15.47 12.34 16.60
C ASN A 425 15.76 13.23 15.39
N VAL A 426 16.29 12.61 14.33
CA VAL A 426 16.73 13.35 13.15
C VAL A 426 16.93 12.36 12.02
N HIS A 427 16.87 12.86 10.79
CA HIS A 427 17.04 12.04 9.60
C HIS A 427 18.53 11.88 9.30
N LEU A 428 18.94 10.65 9.00
CA LEU A 428 20.32 10.33 8.63
C LEU A 428 20.35 9.84 7.20
N PHE A 429 21.18 10.47 6.37
CA PHE A 429 21.24 10.11 4.96
C PHE A 429 21.93 8.77 4.76
N ASN A 430 21.53 8.07 3.70
CA ASN A 430 22.16 6.80 3.32
C ASN A 430 23.41 7.10 2.48
N ASP A 431 24.44 7.58 3.18
CA ASP A 431 25.67 8.00 2.53
C ASP A 431 26.82 7.78 3.49
N THR A 432 28.02 8.20 3.07
CA THR A 432 29.20 8.09 3.91
C THR A 432 29.12 9.10 5.05
N VAL A 433 29.94 8.88 6.08
CA VAL A 433 29.94 9.79 7.22
C VAL A 433 30.51 11.16 6.84
N ALA A 434 31.55 11.20 6.00
CA ALA A 434 32.12 12.49 5.61
C ALA A 434 31.14 13.29 4.78
N ASN A 435 30.29 12.63 4.00
CA ASN A 435 29.22 13.33 3.29
C ASN A 435 28.08 13.69 4.22
N ASN A 436 27.79 12.85 5.23
CA ASN A 436 26.69 13.13 6.14
C ASN A 436 26.98 14.35 6.98
N ILE A 437 28.17 14.42 7.57
CA ILE A 437 28.55 15.59 8.35
C ILE A 437 28.64 16.84 7.50
N ALA A 438 28.95 16.69 6.21
CA ALA A 438 29.26 17.83 5.35
C ALA A 438 28.45 17.74 4.05
N TYR A 439 27.18 17.39 4.16
CA TYR A 439 26.37 17.21 2.97
C TYR A 439 26.14 18.57 2.30
N ALA A 440 26.43 18.64 1.01
CA ALA A 440 26.49 19.89 0.27
C ALA A 440 27.56 20.83 0.82
N ARG A 441 28.56 20.28 1.52
CA ARG A 441 29.70 21.04 2.01
C ARG A 441 31.02 20.30 1.79
N THR A 442 31.00 19.17 1.07
CA THR A 442 32.24 18.47 0.76
C THR A 442 33.13 19.31 -0.15
N GLU A 443 32.53 20.16 -0.99
CA GLU A 443 33.32 20.97 -1.91
C GLU A 443 34.14 22.02 -1.18
N GLN A 444 33.69 22.46 0.00
CA GLN A 444 34.34 23.54 0.74
C GLN A 444 35.20 23.05 1.90
N TYR A 445 34.88 21.90 2.48
CA TYR A 445 35.57 21.39 3.67
C TYR A 445 35.99 19.94 3.42
N SER A 446 37.22 19.62 3.82
CA SER A 446 37.89 18.36 3.47
C SER A 446 38.10 17.51 4.73
N ARG A 447 38.70 16.33 4.50
CA ARG A 447 38.74 15.28 5.52
C ARG A 447 39.51 15.72 6.77
N GLU A 448 40.52 16.58 6.63
CA GLU A 448 41.19 17.08 7.83
C GLU A 448 40.22 17.89 8.67
N GLN A 449 39.35 18.68 8.04
CA GLN A 449 38.33 19.40 8.80
C GLN A 449 37.27 18.46 9.34
N ILE A 450 36.94 17.39 8.62
CA ILE A 450 35.97 16.42 9.13
C ILE A 450 36.49 15.77 10.40
N GLU A 451 37.75 15.36 10.40
CA GLU A 451 38.31 14.74 11.60
C GLU A 451 38.59 15.78 12.69
N GLU A 452 38.81 17.05 12.34
CA GLU A 452 38.82 18.09 13.37
C GLU A 452 37.45 18.19 14.04
N ALA A 453 36.38 18.13 13.26
CA ALA A 453 35.04 18.13 13.84
C ALA A 453 34.80 16.90 14.71
N ALA A 454 35.28 15.74 14.27
CA ALA A 454 35.15 14.53 15.09
C ALA A 454 35.92 14.68 16.40
N ARG A 455 37.14 15.23 16.34
CA ARG A 455 37.90 15.48 17.56
C ARG A 455 37.16 16.46 18.46
N MET A 456 36.51 17.46 17.88
CA MET A 456 35.73 18.42 18.65
C MET A 456 34.41 17.83 19.12
N ALA A 457 34.03 16.65 18.63
CA ALA A 457 32.76 16.01 18.96
C ALA A 457 32.89 14.98 20.08
N TYR A 458 33.69 15.30 21.11
CA TYR A 458 33.98 14.37 22.20
C TYR A 458 32.72 13.81 22.85
N ALA A 459 32.52 12.50 22.66
CA ALA A 459 31.36 11.71 23.06
C ALA A 459 31.24 10.53 22.11
N MET A 460 31.49 10.78 20.84
CA MET A 460 31.39 9.77 19.81
C MET A 460 32.73 9.04 19.72
N ASP A 461 32.68 7.70 19.75
CA ASP A 461 33.88 6.87 19.67
C ASP A 461 33.80 5.81 18.57
N PHE A 462 32.68 5.71 17.86
CA PHE A 462 32.50 4.66 16.86
C PHE A 462 33.25 4.93 15.56
N ILE A 463 33.62 6.18 15.27
CA ILE A 463 34.20 6.55 13.98
C ILE A 463 35.69 6.86 14.05
N ASN A 464 36.31 6.80 15.23
CA ASN A 464 37.72 7.13 15.40
C ASN A 464 38.47 5.90 15.90
N LYS A 465 39.75 5.83 15.52
CA LYS A 465 40.66 4.74 15.86
C LYS A 465 40.34 3.44 15.12
N MET A 466 39.34 3.46 14.22
CA MET A 466 39.04 2.33 13.35
C MET A 466 39.36 2.63 11.89
N ASP A 467 39.64 3.88 11.55
CA ASP A 467 40.30 4.29 10.31
C ASP A 467 39.41 4.21 9.07
N ASN A 468 38.19 3.68 9.21
CA ASN A 468 37.18 3.74 8.16
C ASN A 468 36.12 4.80 8.43
N GLY A 469 36.22 5.53 9.55
CA GLY A 469 35.17 6.44 9.95
C GLY A 469 35.24 7.80 9.29
N LEU A 470 36.06 7.91 8.24
CA LEU A 470 35.94 9.02 7.30
C LEU A 470 34.94 8.71 6.20
N ASP A 471 34.85 7.44 5.78
CA ASP A 471 33.90 7.03 4.75
C ASP A 471 33.29 5.66 5.08
N THR A 472 32.92 5.45 6.34
CA THR A 472 32.13 4.28 6.71
C THR A 472 30.66 4.52 6.36
N VAL A 473 29.81 3.54 6.65
CA VAL A 473 28.38 3.59 6.34
C VAL A 473 27.60 3.52 7.65
N ILE A 474 26.64 4.42 7.81
CA ILE A 474 25.86 4.54 9.04
C ILE A 474 24.36 4.64 8.76
N GLY A 475 23.99 4.90 7.51
CA GLY A 475 22.61 5.24 7.18
C GLY A 475 21.68 4.06 7.20
N GLU A 476 20.72 4.06 6.26
CA GLU A 476 19.75 2.95 6.17
C GLU A 476 20.50 1.63 5.91
N ASN A 477 21.83 1.69 5.81
CA ASN A 477 22.64 0.47 5.57
C ASN A 477 23.82 0.42 6.54
N GLY A 478 24.67 -0.61 6.43
CA GLY A 478 25.83 -0.75 7.32
C GLY A 478 25.40 -0.83 8.77
N VAL A 479 25.99 -0.01 9.64
CA VAL A 479 25.66 -0.05 11.10
C VAL A 479 24.58 1.01 11.38
N LEU A 480 23.39 0.58 11.81
CA LEU A 480 22.32 1.54 12.16
C LEU A 480 22.79 2.37 13.37
N LEU A 481 22.46 3.66 13.40
CA LEU A 481 22.95 4.54 14.49
C LEU A 481 21.91 4.61 15.61
N SER A 482 22.33 4.37 16.86
CA SER A 482 21.42 4.49 17.99
C SER A 482 21.17 5.95 18.36
N GLY A 483 20.11 6.17 19.16
CA GLY A 483 19.66 7.51 19.46
C GLY A 483 20.70 8.37 20.16
N GLY A 484 21.51 7.76 21.02
CA GLY A 484 22.57 8.49 21.69
C GLY A 484 23.75 8.86 20.82
N GLN A 485 23.74 8.46 19.55
CA GLN A 485 24.79 8.77 18.60
C GLN A 485 24.31 9.48 17.35
N ARG A 486 23.03 9.35 16.98
CA ARG A 486 22.46 10.26 15.99
C ARG A 486 22.56 11.69 16.49
N GLN A 487 22.27 11.90 17.77
CA GLN A 487 22.48 13.20 18.38
C GLN A 487 23.92 13.66 18.20
N ARG A 488 24.89 12.78 18.50
CA ARG A 488 26.29 13.14 18.41
C ARG A 488 26.71 13.54 17.00
N ILE A 489 26.35 12.75 15.99
CA ILE A 489 26.71 13.11 14.63
C ILE A 489 25.98 14.37 14.17
N ALA A 490 24.75 14.59 14.64
CA ALA A 490 24.09 15.86 14.36
C ALA A 490 24.84 17.03 14.96
N ILE A 491 25.43 16.83 16.15
CA ILE A 491 26.23 17.90 16.75
C ILE A 491 27.37 18.28 15.82
N ALA A 492 28.06 17.29 15.27
CA ALA A 492 29.15 17.60 14.35
C ALA A 492 28.64 18.23 13.06
N ARG A 493 27.48 17.79 12.58
CA ARG A 493 26.91 18.37 11.38
C ARG A 493 26.64 19.87 11.57
N ALA A 494 26.09 20.24 12.72
CA ALA A 494 25.90 21.65 13.03
C ALA A 494 27.20 22.35 13.40
N LEU A 495 28.19 21.61 13.90
CA LEU A 495 29.42 22.15 14.44
C LEU A 495 30.56 22.11 13.42
N LEU A 496 30.22 21.90 12.15
CA LEU A 496 31.16 22.14 11.04
C LEU A 496 31.07 23.58 10.55
N ARG A 497 30.80 24.52 11.47
CA ARG A 497 30.94 25.96 11.27
C ARG A 497 29.93 26.49 10.28
N ASP A 498 29.91 27.81 10.10
CA ASP A 498 28.89 28.51 9.31
C ASP A 498 27.50 28.23 9.88
N SER A 499 27.36 28.38 11.20
CA SER A 499 26.09 28.18 11.90
C SER A 499 25.88 29.32 12.90
N PRO A 500 25.59 30.53 12.43
CA PRO A 500 25.31 31.62 13.37
C PRO A 500 24.11 31.38 14.25
N ILE A 501 23.10 30.66 13.76
CA ILE A 501 21.84 30.45 14.48
C ILE A 501 21.69 28.96 14.75
N LEU A 502 21.21 28.64 15.94
CA LEU A 502 21.09 27.25 16.41
C LEU A 502 19.66 27.00 16.88
N ILE A 503 19.12 25.85 16.49
CA ILE A 503 17.87 25.32 17.02
C ILE A 503 18.20 23.99 17.67
N LEU A 504 17.74 23.81 18.92
CA LEU A 504 18.25 22.74 19.77
C LEU A 504 17.05 22.18 20.54
N ASP A 505 16.67 20.95 20.21
CA ASP A 505 15.30 20.47 20.44
C ASP A 505 15.13 19.65 21.71
N GLU A 506 15.97 18.63 21.95
CA GLU A 506 15.86 17.73 23.10
C GLU A 506 14.49 17.05 23.14
N ALA A 507 14.25 16.20 22.14
CA ALA A 507 13.03 15.41 22.12
C ALA A 507 12.91 14.53 23.37
N THR A 508 14.04 14.09 23.94
CA THR A 508 14.07 13.29 25.14
C THR A 508 14.82 14.05 26.23
N SER A 509 14.24 14.06 27.44
CA SER A 509 14.90 14.67 28.60
C SER A 509 15.93 13.75 29.23
N ALA A 510 15.94 12.46 28.88
CA ALA A 510 16.91 11.53 29.46
C ALA A 510 18.32 11.89 29.02
N LEU A 511 19.29 11.49 29.84
CA LEU A 511 20.69 11.84 29.66
C LEU A 511 21.55 10.58 29.63
N ASP A 512 22.65 10.66 28.89
CA ASP A 512 23.63 9.60 28.80
C ASP A 512 24.97 10.10 29.32
N THR A 513 25.84 9.17 29.70
CA THR A 513 27.12 9.52 30.28
C THR A 513 27.98 10.25 29.26
N GLU A 514 28.20 11.54 29.52
CA GLU A 514 29.05 12.43 28.72
C GLU A 514 28.43 12.86 27.40
N SER A 515 27.29 12.27 27.00
CA SER A 515 26.61 12.73 25.81
C SER A 515 25.86 14.03 26.08
N GLU A 516 25.16 14.08 27.22
CA GLU A 516 24.49 15.32 27.61
C GLU A 516 25.50 16.44 27.83
N ARG A 517 26.58 16.15 28.55
CA ARG A 517 27.62 17.15 28.74
C ARG A 517 28.26 17.52 27.40
N ALA A 518 28.33 16.58 26.46
CA ALA A 518 28.90 16.90 25.16
C ALA A 518 28.01 17.87 24.38
N ILE A 519 26.70 17.64 24.37
CA ILE A 519 25.83 18.57 23.65
C ILE A 519 25.83 19.92 24.35
N GLN A 520 25.91 19.92 25.69
CA GLN A 520 25.97 21.20 26.41
C GLN A 520 27.26 21.94 26.10
N ALA A 521 28.39 21.22 26.00
CA ALA A 521 29.64 21.85 25.60
C ALA A 521 29.57 22.38 24.18
N ALA A 522 28.91 21.63 23.29
CA ALA A 522 28.70 22.11 21.92
C ALA A 522 27.91 23.41 21.92
N LEU A 523 26.84 23.46 22.72
CA LEU A 523 26.08 24.69 22.87
C LEU A 523 26.95 25.81 23.41
N ASP A 524 27.80 25.52 24.38
CA ASP A 524 28.65 26.56 24.97
C ASP A 524 29.63 27.13 23.95
N GLU A 525 30.29 26.26 23.17
CA GLU A 525 31.23 26.77 22.18
C GLU A 525 30.50 27.37 20.98
N LEU A 526 29.24 27.03 20.78
CA LEU A 526 28.36 27.75 19.86
C LEU A 526 27.75 28.99 20.50
N GLN A 527 28.08 29.28 21.76
CA GLN A 527 27.72 30.52 22.42
C GLN A 527 28.92 31.41 22.70
N LYS A 528 30.14 30.91 22.52
CA LYS A 528 31.31 31.78 22.51
C LYS A 528 31.14 32.86 21.45
N ASN A 529 30.73 32.46 20.25
CA ASN A 529 30.18 33.32 19.22
C ASN A 529 28.76 32.85 18.93
N ARG A 530 28.11 33.46 17.94
CA ARG A 530 26.85 32.95 17.43
C ARG A 530 25.73 33.07 18.46
N THR A 531 24.54 32.60 18.12
CA THR A 531 23.35 32.66 18.98
C THR A 531 22.80 31.25 19.15
N SER A 532 21.68 31.14 19.87
CA SER A 532 21.01 29.86 20.03
C SER A 532 19.62 30.05 20.59
N LEU A 533 18.66 29.34 20.02
CA LEU A 533 17.32 29.17 20.57
C LEU A 533 17.14 27.69 20.90
N VAL A 534 16.76 27.40 22.14
CA VAL A 534 16.78 26.04 22.68
C VAL A 534 15.40 25.67 23.17
N ILE A 535 14.94 24.47 22.80
CA ILE A 535 13.83 23.79 23.44
C ILE A 535 14.43 22.68 24.29
N ALA A 536 14.02 22.58 25.55
CA ALA A 536 14.67 21.63 26.44
C ALA A 536 13.78 21.34 27.64
N HIS A 537 13.44 20.05 27.81
CA HIS A 537 12.83 19.61 29.06
C HIS A 537 13.84 19.60 30.20
N ARG A 538 15.13 19.45 29.90
CA ARG A 538 16.15 19.48 30.94
C ARG A 538 16.25 20.86 31.55
N LEU A 539 16.55 20.90 32.85
CA LEU A 539 16.66 22.15 33.60
C LEU A 539 18.07 22.71 33.63
N SER A 540 19.08 21.93 33.25
CA SER A 540 20.46 22.42 33.34
C SER A 540 20.70 23.60 32.40
N THR A 541 20.21 23.49 31.16
CA THR A 541 20.43 24.56 30.20
C THR A 541 19.76 25.86 30.62
N ILE A 542 18.55 25.80 31.18
CA ILE A 542 17.94 27.03 31.70
C ILE A 542 18.67 27.52 32.95
N GLU A 543 19.22 26.61 33.76
CA GLU A 543 19.96 27.02 34.94
C GLU A 543 21.19 27.85 34.54
N LYS A 544 21.91 27.42 33.50
CA LYS A 544 23.06 28.17 32.99
C LYS A 544 22.75 28.88 31.68
N ALA A 545 21.51 29.34 31.50
CA ALA A 545 21.15 30.14 30.34
C ALA A 545 21.39 31.62 30.59
N ASP A 546 21.77 32.34 29.53
CA ASP A 546 21.92 33.78 29.63
C ASP A 546 20.57 34.46 29.78
N GLU A 547 19.59 34.04 28.97
CA GLU A 547 18.22 34.51 29.03
C GLU A 547 17.28 33.32 29.02
N ILE A 548 16.22 33.40 29.83
CA ILE A 548 15.31 32.29 30.06
C ILE A 548 13.89 32.76 29.78
N VAL A 549 13.15 31.96 29.01
CA VAL A 549 11.75 32.23 28.70
C VAL A 549 10.97 30.92 28.75
N VAL A 550 9.65 31.04 28.92
CA VAL A 550 8.75 29.90 29.03
C VAL A 550 7.58 30.09 28.07
N VAL A 551 7.83 30.74 26.94
CA VAL A 551 6.74 31.24 26.11
C VAL A 551 5.91 30.09 25.55
N GLU A 552 4.66 30.00 26.01
CA GLU A 552 3.69 29.02 25.55
C GLU A 552 2.35 29.72 25.36
N ASP A 553 1.38 28.99 24.82
CA ASP A 553 0.05 29.53 24.53
C ASP A 553 0.12 30.72 23.57
N GLY A 554 1.17 30.77 22.75
CA GLY A 554 1.27 31.79 21.73
C GLY A 554 1.68 33.16 22.21
N VAL A 555 0.88 33.76 23.09
CA VAL A 555 1.14 35.13 23.53
C VAL A 555 2.41 35.16 24.36
N ILE A 556 3.26 36.16 24.10
CA ILE A 556 4.50 36.31 24.85
C ILE A 556 4.17 36.65 26.30
N VAL A 557 4.86 35.98 27.22
CA VAL A 557 4.57 36.11 28.64
C VAL A 557 5.79 36.37 29.50
N GLU A 558 7.01 36.07 29.06
CA GLU A 558 8.18 36.04 29.94
C GLU A 558 9.35 36.80 29.33
N ARG A 559 10.10 37.49 30.19
CA ARG A 559 11.38 38.07 29.81
C ARG A 559 12.18 38.27 31.10
N GLY A 560 13.14 37.38 31.35
CA GLY A 560 13.95 37.49 32.54
C GLY A 560 15.04 36.45 32.67
N THR A 561 16.08 36.77 33.46
CA THR A 561 17.17 35.85 33.73
C THR A 561 16.78 34.90 34.86
N HIS A 562 17.77 34.20 35.43
CA HIS A 562 17.46 33.25 36.50
C HIS A 562 16.83 33.93 37.72
N ASN A 563 17.23 35.18 38.00
CA ASN A 563 16.62 35.90 39.12
C ASN A 563 15.12 36.10 38.90
N ASP A 564 14.69 36.19 37.65
CA ASP A 564 13.29 36.37 37.26
C ASP A 564 12.89 35.26 36.30
N LEU A 565 13.15 34.01 36.71
CA LEU A 565 12.95 32.82 35.88
C LEU A 565 11.59 32.80 35.20
N LEU A 566 10.52 32.69 36.00
CA LEU A 566 9.14 32.62 35.52
C LEU A 566 8.34 33.62 36.33
N GLU A 567 8.30 34.87 35.87
CA GLU A 567 7.68 35.95 36.63
C GLU A 567 6.18 36.05 36.37
N HIS A 568 5.80 36.30 35.12
CA HIS A 568 4.40 36.48 34.74
C HIS A 568 3.74 35.18 34.30
N ARG A 569 4.44 34.05 34.32
CA ARG A 569 3.81 32.78 33.99
C ARG A 569 2.68 32.46 34.96
N GLY A 570 2.91 32.69 36.25
CA GLY A 570 1.89 32.54 37.27
C GLY A 570 2.21 31.51 38.33
N VAL A 571 1.45 30.43 38.37
CA VAL A 571 1.54 29.44 39.45
C VAL A 571 2.73 28.51 39.31
N TYR A 572 3.55 28.65 38.27
CA TYR A 572 4.68 27.75 38.11
C TYR A 572 5.70 27.95 39.22
N ALA A 573 6.28 29.15 39.30
CA ALA A 573 7.23 29.53 40.35
C ALA A 573 8.42 28.57 40.38
N GLN A 574 9.14 28.56 39.26
CA GLN A 574 10.35 27.74 39.05
C GLN A 574 10.17 26.29 39.46
N THR B 12 0.40 -29.46 3.64
CA THR B 12 0.34 -28.53 2.48
C THR B 12 -1.15 -28.26 2.17
N PHE B 13 -1.63 -28.55 0.96
CA PHE B 13 -3.03 -28.30 0.60
C PHE B 13 -4.01 -29.07 1.47
N ARG B 14 -3.55 -30.14 2.13
CA ARG B 14 -4.43 -30.96 2.97
C ARG B 14 -5.01 -30.17 4.13
N ARG B 15 -4.36 -29.09 4.58
CA ARG B 15 -4.89 -28.30 5.68
C ARG B 15 -5.88 -27.24 5.20
N LEU B 16 -5.76 -26.78 3.96
CA LEU B 16 -6.78 -25.92 3.39
C LEU B 16 -7.98 -26.70 2.88
N TRP B 17 -7.82 -28.00 2.65
CA TRP B 17 -8.93 -28.79 2.09
C TRP B 17 -10.17 -28.81 2.97
N PRO B 18 -10.10 -28.93 4.30
CA PRO B 18 -11.35 -28.89 5.09
C PRO B 18 -12.18 -27.64 4.88
N THR B 19 -11.56 -26.48 4.67
CA THR B 19 -12.34 -25.29 4.34
C THR B 19 -13.08 -25.48 3.01
N ILE B 20 -12.41 -26.10 2.03
CA ILE B 20 -13.06 -26.35 0.75
C ILE B 20 -14.19 -27.37 0.92
N ALA B 21 -14.11 -28.22 1.93
CA ALA B 21 -14.91 -29.44 2.01
C ALA B 21 -16.42 -29.25 1.83
N PRO B 22 -17.10 -28.29 2.47
CA PRO B 22 -18.54 -28.15 2.26
C PRO B 22 -18.93 -27.44 0.97
N PHE B 23 -17.97 -27.14 0.10
CA PHE B 23 -18.22 -26.49 -1.19
C PHE B 23 -17.82 -27.37 -2.37
N LYS B 24 -17.70 -28.69 -2.15
CA LYS B 24 -17.49 -29.59 -3.27
C LYS B 24 -18.65 -29.54 -4.24
N ALA B 25 -19.87 -29.28 -3.74
CA ALA B 25 -21.03 -29.16 -4.61
C ALA B 25 -20.90 -28.02 -5.61
N GLY B 26 -20.09 -27.02 -5.32
CA GLY B 26 -19.80 -25.95 -6.26
C GLY B 26 -18.55 -26.24 -7.07
N LEU B 27 -17.53 -26.80 -6.42
CA LEU B 27 -16.27 -27.06 -7.12
C LEU B 27 -16.44 -28.08 -8.24
N ILE B 28 -17.14 -29.18 -7.97
CA ILE B 28 -17.32 -30.22 -8.98
C ILE B 28 -18.15 -29.70 -10.14
N VAL B 29 -19.18 -28.90 -9.84
CA VAL B 29 -19.99 -28.34 -10.92
C VAL B 29 -19.18 -27.38 -11.76
N ALA B 30 -18.29 -26.60 -11.13
CA ALA B 30 -17.40 -25.74 -11.90
C ALA B 30 -16.48 -26.56 -12.79
N GLY B 31 -15.93 -27.65 -12.25
CA GLY B 31 -15.08 -28.51 -13.04
C GLY B 31 -15.77 -29.13 -14.23
N VAL B 32 -17.02 -29.55 -14.07
CA VAL B 32 -17.79 -30.09 -15.19
C VAL B 32 -18.15 -28.99 -16.18
N ALA B 33 -18.52 -27.81 -15.69
CA ALA B 33 -18.82 -26.72 -16.60
C ALA B 33 -17.61 -26.27 -17.41
N LEU B 34 -16.40 -26.48 -16.89
CA LEU B 34 -15.20 -26.12 -17.65
C LEU B 34 -14.72 -27.26 -18.56
N ILE B 35 -14.85 -28.52 -18.15
CA ILE B 35 -14.50 -29.59 -19.08
C ILE B 35 -15.47 -29.58 -20.25
N LEU B 36 -16.74 -29.22 -20.00
CA LEU B 36 -17.65 -29.02 -21.12
C LEU B 36 -17.21 -27.83 -21.97
N ASN B 37 -16.62 -26.80 -21.37
CA ASN B 37 -16.10 -25.69 -22.16
C ASN B 37 -14.98 -26.15 -23.08
N ALA B 38 -14.06 -26.97 -22.55
CA ALA B 38 -13.00 -27.51 -23.37
C ALA B 38 -13.52 -28.42 -24.46
N ALA B 39 -14.54 -29.24 -24.17
CA ALA B 39 -15.12 -30.08 -25.20
C ALA B 39 -15.86 -29.27 -26.24
N SER B 40 -16.44 -28.13 -25.87
CA SER B 40 -17.08 -27.25 -26.84
C SER B 40 -16.08 -26.54 -27.71
N ASP B 41 -14.89 -26.24 -27.17
CA ASP B 41 -13.81 -25.65 -27.97
C ASP B 41 -13.03 -26.69 -28.77
N THR B 42 -13.45 -27.96 -28.74
CA THR B 42 -12.85 -29.03 -29.53
C THR B 42 -13.82 -29.64 -30.53
N PHE B 43 -15.08 -29.84 -30.17
CA PHE B 43 -16.05 -30.28 -31.16
C PHE B 43 -16.22 -29.25 -32.26
N MET B 44 -16.08 -27.97 -31.92
CA MET B 44 -16.15 -26.94 -32.96
C MET B 44 -15.01 -27.09 -33.96
N LEU B 45 -13.82 -27.43 -33.48
CA LEU B 45 -12.74 -27.76 -34.42
C LEU B 45 -13.04 -29.03 -35.18
N SER B 46 -13.70 -30.00 -34.55
CA SER B 46 -14.07 -31.21 -35.27
C SER B 46 -15.06 -30.93 -36.39
N LEU B 47 -15.83 -29.84 -36.28
CA LEU B 47 -16.72 -29.45 -37.38
C LEU B 47 -15.96 -29.10 -38.65
N LEU B 48 -14.66 -28.83 -38.57
CA LEU B 48 -13.92 -28.40 -39.75
C LEU B 48 -13.88 -29.47 -40.82
N LYS B 49 -13.61 -30.72 -40.44
CA LYS B 49 -13.41 -31.76 -41.45
C LYS B 49 -14.63 -31.98 -42.32
N PRO B 50 -15.85 -32.13 -41.79
CA PRO B 50 -17.02 -32.17 -42.70
C PRO B 50 -17.18 -30.91 -43.53
N LEU B 51 -16.94 -29.73 -42.95
CA LEU B 51 -17.21 -28.48 -43.65
C LEU B 51 -16.37 -28.34 -44.91
N LEU B 52 -15.09 -28.71 -44.83
CA LEU B 52 -14.21 -28.59 -45.98
C LEU B 52 -14.21 -29.85 -46.86
N ASP B 53 -14.42 -31.02 -46.27
CA ASP B 53 -14.35 -32.26 -47.04
C ASP B 53 -15.66 -32.56 -47.74
N ASP B 54 -16.74 -32.71 -46.97
CA ASP B 54 -18.05 -33.03 -47.54
C ASP B 54 -18.76 -31.80 -48.13
N GLY B 55 -18.22 -30.61 -47.91
CA GLY B 55 -18.83 -29.37 -48.37
C GLY B 55 -18.13 -28.78 -49.58
N PHE B 56 -17.23 -27.84 -49.31
CA PHE B 56 -16.61 -27.06 -50.38
C PHE B 56 -15.79 -27.92 -51.33
N GLY B 57 -15.07 -28.90 -50.81
CA GLY B 57 -14.33 -29.81 -51.67
C GLY B 57 -15.27 -30.66 -52.50
N LYS B 58 -16.00 -31.57 -51.86
CA LYS B 58 -17.02 -32.37 -52.51
C LYS B 58 -18.35 -31.63 -52.38
N THR B 59 -18.80 -31.02 -53.48
CA THR B 59 -19.91 -30.06 -53.43
C THR B 59 -21.16 -30.70 -52.85
N ASP B 60 -21.68 -30.10 -51.79
CA ASP B 60 -22.89 -30.55 -51.12
C ASP B 60 -23.32 -29.46 -50.16
N ARG B 61 -24.62 -29.43 -49.85
CA ARG B 61 -25.21 -28.36 -49.05
C ARG B 61 -25.81 -28.80 -47.73
N SER B 62 -25.90 -30.10 -47.46
CA SER B 62 -26.40 -30.54 -46.15
C SER B 62 -25.50 -30.05 -45.03
N VAL B 63 -24.19 -30.25 -45.19
CA VAL B 63 -23.25 -29.76 -44.18
C VAL B 63 -23.31 -28.24 -44.11
N LEU B 64 -23.41 -27.57 -45.25
CA LEU B 64 -23.41 -26.10 -45.25
C LEU B 64 -24.63 -25.55 -44.52
N VAL B 65 -25.81 -26.12 -44.75
CA VAL B 65 -27.00 -25.61 -44.06
C VAL B 65 -26.98 -25.97 -42.58
N TRP B 66 -26.47 -27.15 -42.21
CA TRP B 66 -26.48 -27.55 -40.81
C TRP B 66 -25.38 -26.91 -39.98
N MET B 67 -24.28 -26.47 -40.60
CA MET B 67 -23.16 -25.94 -39.83
C MET B 67 -23.46 -24.65 -39.08
N PRO B 68 -24.13 -23.63 -39.65
CA PRO B 68 -24.37 -22.41 -38.87
C PRO B 68 -25.15 -22.63 -37.59
N LEU B 69 -26.26 -23.37 -37.65
CA LEU B 69 -27.04 -23.59 -36.43
C LEU B 69 -26.26 -24.43 -35.44
N VAL B 70 -25.43 -25.36 -35.94
CA VAL B 70 -24.59 -26.14 -35.04
C VAL B 70 -23.57 -25.25 -34.36
N VAL B 71 -22.99 -24.30 -35.10
CA VAL B 71 -22.01 -23.38 -34.52
C VAL B 71 -22.67 -22.50 -33.46
N ILE B 72 -23.87 -22.03 -33.74
CA ILE B 72 -24.58 -21.21 -32.76
C ILE B 72 -24.92 -22.04 -31.52
N GLY B 73 -25.32 -23.29 -31.72
CA GLY B 73 -25.56 -24.17 -30.58
C GLY B 73 -24.32 -24.38 -29.74
N LEU B 74 -23.20 -24.71 -30.39
CA LEU B 74 -21.95 -24.91 -29.67
C LEU B 74 -21.48 -23.64 -28.98
N MET B 75 -21.79 -22.47 -29.53
CA MET B 75 -21.37 -21.24 -28.88
C MET B 75 -22.29 -20.83 -27.74
N ILE B 76 -23.59 -21.12 -27.80
CA ILE B 76 -24.39 -20.93 -26.59
C ILE B 76 -23.93 -21.91 -25.52
N LEU B 77 -23.51 -23.12 -25.91
CA LEU B 77 -22.88 -24.03 -24.96
C LEU B 77 -21.59 -23.48 -24.39
N ARG B 78 -20.75 -22.86 -25.22
CA ARG B 78 -19.52 -22.21 -24.77
C ARG B 78 -19.81 -21.09 -23.78
N GLY B 79 -20.82 -20.27 -24.07
CA GLY B 79 -21.10 -19.12 -23.25
C GLY B 79 -21.77 -19.47 -21.93
N ILE B 80 -22.84 -20.28 -21.98
CA ILE B 80 -23.57 -20.61 -20.77
C ILE B 80 -22.72 -21.45 -19.84
N THR B 81 -21.84 -22.30 -20.36
CA THR B 81 -20.96 -23.07 -19.49
C THR B 81 -19.81 -22.24 -18.95
N SER B 82 -19.31 -21.26 -19.71
CA SER B 82 -18.30 -20.36 -19.16
C SER B 82 -18.87 -19.50 -18.04
N TYR B 83 -20.09 -18.98 -18.24
CA TYR B 83 -20.74 -18.20 -17.19
C TYR B 83 -21.03 -19.06 -15.98
N VAL B 84 -21.50 -20.28 -16.19
CA VAL B 84 -21.78 -21.17 -15.06
C VAL B 84 -20.50 -21.47 -14.30
N SER B 85 -19.40 -21.72 -15.02
CA SER B 85 -18.12 -21.97 -14.35
C SER B 85 -17.66 -20.75 -13.56
N SER B 86 -17.77 -19.56 -14.14
CA SER B 86 -17.34 -18.36 -13.42
C SER B 86 -18.21 -18.06 -12.21
N TYR B 87 -19.51 -18.32 -12.28
CA TYR B 87 -20.37 -18.07 -11.12
C TYR B 87 -20.17 -19.12 -10.05
N CYS B 88 -20.07 -20.40 -10.42
CA CYS B 88 -19.97 -21.48 -9.47
C CYS B 88 -18.54 -21.78 -9.04
N ILE B 89 -17.57 -21.04 -9.54
CA ILE B 89 -16.24 -21.01 -8.94
C ILE B 89 -16.12 -19.88 -7.92
N SER B 90 -16.90 -18.81 -8.06
CA SER B 90 -16.97 -17.76 -7.06
C SER B 90 -17.88 -18.14 -5.89
N TRP B 91 -18.60 -19.24 -5.98
CA TRP B 91 -19.19 -19.89 -4.82
C TRP B 91 -18.19 -20.78 -4.10
N VAL B 92 -16.96 -20.86 -4.61
CA VAL B 92 -15.84 -21.42 -3.86
C VAL B 92 -14.75 -20.38 -3.62
N SER B 93 -14.49 -19.52 -4.60
CA SER B 93 -13.54 -18.44 -4.44
C SER B 93 -14.14 -17.20 -3.79
N GLY B 94 -15.44 -17.23 -3.46
CA GLY B 94 -16.09 -16.14 -2.77
C GLY B 94 -16.69 -16.56 -1.44
N LYS B 95 -16.86 -17.86 -1.23
CA LYS B 95 -17.29 -18.42 0.04
C LYS B 95 -16.18 -19.16 0.78
N VAL B 96 -14.94 -19.12 0.28
CA VAL B 96 -13.79 -19.59 1.04
C VAL B 96 -12.97 -18.37 1.43
N VAL B 97 -12.97 -17.35 0.58
CA VAL B 97 -12.40 -16.07 0.97
C VAL B 97 -13.09 -15.55 2.22
N MET B 98 -14.42 -15.63 2.23
CA MET B 98 -15.18 -15.20 3.41
C MET B 98 -14.80 -16.02 4.63
N THR B 99 -14.75 -17.34 4.49
CA THR B 99 -14.48 -18.18 5.65
C THR B 99 -13.08 -17.98 6.19
N MET B 100 -12.09 -17.82 5.31
CA MET B 100 -10.73 -17.56 5.78
C MET B 100 -10.63 -16.19 6.43
N ARG B 101 -11.26 -15.17 5.85
CA ARG B 101 -11.23 -13.85 6.48
C ARG B 101 -11.87 -13.90 7.86
N ARG B 102 -13.01 -14.58 7.98
CA ARG B 102 -13.71 -14.62 9.26
C ARG B 102 -12.93 -15.44 10.28
N ARG B 103 -12.32 -16.56 9.86
CA ARG B 103 -11.52 -17.34 10.78
C ARG B 103 -10.29 -16.59 11.24
N LEU B 104 -9.64 -15.86 10.33
CA LEU B 104 -8.49 -15.05 10.72
C LEU B 104 -8.92 -13.96 11.69
N PHE B 105 -10.04 -13.30 11.42
CA PHE B 105 -10.52 -12.24 12.29
C PHE B 105 -10.86 -12.77 13.68
N GLY B 106 -11.53 -13.93 13.73
CA GLY B 106 -11.82 -14.54 15.02
C GLY B 106 -10.59 -15.03 15.75
N HIS B 107 -9.53 -15.37 15.01
CA HIS B 107 -8.24 -15.72 15.59
C HIS B 107 -7.34 -14.52 15.78
N MET B 108 -7.84 -13.30 15.56
CA MET B 108 -7.08 -12.07 15.75
C MET B 108 -7.55 -11.26 16.95
N MET B 109 -8.85 -11.24 17.25
CA MET B 109 -9.36 -10.49 18.37
C MET B 109 -9.09 -11.16 19.71
N GLY B 110 -8.71 -12.43 19.72
CA GLY B 110 -8.37 -13.13 20.94
C GLY B 110 -6.89 -13.44 21.05
N MET B 111 -6.10 -12.75 20.21
CA MET B 111 -4.62 -12.90 20.22
C MET B 111 -4.08 -11.70 21.01
N PRO B 112 -2.98 -11.83 21.79
CA PRO B 112 -2.51 -10.74 22.65
C PRO B 112 -2.12 -9.42 21.97
N VAL B 113 -2.55 -8.28 22.53
CA VAL B 113 -2.13 -6.97 22.03
C VAL B 113 -0.63 -6.84 21.91
N SER B 114 0.14 -7.73 22.54
CA SER B 114 1.59 -7.73 22.33
C SER B 114 1.94 -7.91 20.86
N PHE B 115 1.16 -8.72 20.14
CA PHE B 115 1.33 -8.81 18.70
C PHE B 115 1.04 -7.47 18.02
N PHE B 116 -0.01 -6.77 18.47
CA PHE B 116 -0.33 -5.47 17.91
C PHE B 116 0.70 -4.41 18.27
N ASP B 117 1.53 -4.65 19.28
CA ASP B 117 2.45 -3.63 19.80
C ASP B 117 3.68 -3.50 18.90
N LYS B 118 3.43 -3.12 17.66
CA LYS B 118 4.44 -2.88 16.62
C LYS B 118 5.26 -4.12 16.28
N GLN B 119 4.85 -5.31 16.73
CA GLN B 119 5.44 -6.53 16.19
C GLN B 119 4.99 -6.74 14.75
N SER B 120 3.77 -6.32 14.44
CA SER B 120 3.26 -6.24 13.08
C SER B 120 2.53 -4.92 12.92
N THR B 121 2.88 -4.18 11.86
CA THR B 121 2.31 -2.85 11.64
C THR B 121 0.91 -2.97 11.03
N GLY B 122 0.40 -1.88 10.48
CA GLY B 122 -0.94 -1.85 9.92
C GLY B 122 -1.16 -2.65 8.65
N THR B 123 -0.19 -3.49 8.25
CA THR B 123 -0.39 -4.45 7.18
C THR B 123 -1.29 -5.62 7.57
N LEU B 124 -1.80 -5.65 8.80
CA LEU B 124 -2.77 -6.68 9.14
C LEU B 124 -4.04 -6.55 8.32
N LEU B 125 -4.45 -5.32 8.00
CA LEU B 125 -5.59 -5.14 7.10
C LEU B 125 -5.28 -5.73 5.73
N SER B 126 -4.05 -5.53 5.24
CA SER B 126 -3.65 -6.14 3.97
C SER B 126 -3.71 -7.66 4.06
N ARG B 127 -3.15 -8.23 5.12
CA ARG B 127 -3.17 -9.68 5.27
C ARG B 127 -4.60 -10.22 5.41
N ILE B 128 -5.51 -9.44 5.98
CA ILE B 128 -6.90 -9.87 6.07
C ILE B 128 -7.54 -9.84 4.70
N THR B 129 -7.38 -8.74 3.96
CA THR B 129 -8.16 -8.53 2.74
C THR B 129 -7.43 -8.99 1.48
N TYR B 130 -6.29 -8.36 1.18
CA TYR B 130 -5.61 -8.63 -0.08
C TYR B 130 -5.05 -10.05 -0.12
N ASP B 131 -4.43 -10.48 0.97
CA ASP B 131 -3.81 -11.81 0.98
C ASP B 131 -4.85 -12.92 0.90
N SER B 132 -5.93 -12.79 1.67
CA SER B 132 -6.97 -13.81 1.63
C SER B 132 -7.78 -13.74 0.34
N GLU B 133 -7.78 -12.59 -0.35
CA GLU B 133 -8.33 -12.55 -1.70
C GLU B 133 -7.41 -13.29 -2.66
N GLN B 134 -6.10 -13.03 -2.58
CA GLN B 134 -5.15 -13.61 -3.51
C GLN B 134 -5.03 -15.12 -3.35
N VAL B 135 -5.22 -15.64 -2.13
CA VAL B 135 -5.08 -17.08 -1.93
C VAL B 135 -6.06 -17.84 -2.81
N ALA B 136 -7.34 -17.47 -2.75
CA ALA B 136 -8.37 -18.13 -3.53
C ALA B 136 -8.62 -17.47 -4.88
N SER B 137 -7.87 -16.42 -5.21
CA SER B 137 -7.84 -15.92 -6.58
C SER B 137 -6.71 -16.53 -7.40
N SER B 138 -5.70 -17.12 -6.74
CA SER B 138 -4.63 -17.83 -7.43
C SER B 138 -4.72 -19.34 -7.28
N SER B 139 -5.35 -19.86 -6.23
CA SER B 139 -5.63 -21.28 -6.13
C SER B 139 -6.90 -21.66 -6.87
N SER B 140 -7.75 -20.70 -7.20
CA SER B 140 -8.80 -20.91 -8.19
C SER B 140 -8.31 -20.72 -9.61
N GLY B 141 -7.29 -19.89 -9.79
CA GLY B 141 -6.61 -19.78 -11.06
C GLY B 141 -5.69 -20.94 -11.39
N ALA B 142 -5.44 -21.81 -10.42
CA ALA B 142 -4.73 -23.07 -10.63
C ALA B 142 -5.67 -24.27 -10.59
N LEU B 143 -6.98 -24.05 -10.54
CA LEU B 143 -7.98 -25.08 -10.82
C LEU B 143 -8.77 -24.81 -12.09
N ILE B 144 -9.17 -23.55 -12.33
CA ILE B 144 -9.72 -23.18 -13.62
C ILE B 144 -8.72 -23.53 -14.71
N THR B 145 -7.46 -23.12 -14.51
CA THR B 145 -6.42 -23.42 -15.49
C THR B 145 -6.23 -24.92 -15.66
N VAL B 146 -6.12 -25.65 -14.55
CA VAL B 146 -5.85 -27.08 -14.64
C VAL B 146 -6.98 -27.78 -15.38
N VAL B 147 -8.23 -27.55 -14.96
CA VAL B 147 -9.33 -28.30 -15.56
C VAL B 147 -9.52 -27.88 -17.02
N ARG B 148 -9.56 -26.58 -17.31
CA ARG B 148 -9.79 -26.14 -18.69
C ARG B 148 -8.67 -26.61 -19.59
N GLU B 149 -7.42 -26.33 -19.23
CA GLU B 149 -6.32 -26.58 -20.14
C GLU B 149 -5.98 -28.07 -20.22
N GLY B 150 -6.02 -28.80 -19.11
CA GLY B 150 -5.82 -30.23 -19.17
C GLY B 150 -6.99 -30.99 -19.74
N ALA B 151 -8.15 -30.35 -19.88
CA ALA B 151 -9.21 -30.88 -20.73
C ALA B 151 -8.99 -30.57 -22.19
N SER B 152 -8.50 -29.37 -22.50
CA SER B 152 -8.20 -29.02 -23.89
C SER B 152 -7.10 -29.92 -24.45
N ILE B 153 -6.05 -30.19 -23.66
CA ILE B 153 -4.97 -31.07 -24.10
C ILE B 153 -5.53 -32.44 -24.46
N ILE B 154 -6.31 -33.03 -23.55
CA ILE B 154 -6.78 -34.39 -23.78
C ILE B 154 -7.79 -34.41 -24.91
N GLY B 155 -8.62 -33.38 -25.01
CA GLY B 155 -9.59 -33.34 -26.10
C GLY B 155 -8.92 -33.23 -27.46
N LEU B 156 -7.91 -32.37 -27.58
CA LEU B 156 -7.24 -32.23 -28.85
C LEU B 156 -6.44 -33.49 -29.20
N PHE B 157 -5.82 -34.13 -28.20
CA PHE B 157 -5.07 -35.34 -28.48
C PHE B 157 -6.00 -36.49 -28.84
N ILE B 158 -7.21 -36.52 -28.28
CA ILE B 158 -8.21 -37.48 -28.73
C ILE B 158 -8.66 -37.15 -30.14
N MET B 159 -8.76 -35.86 -30.45
CA MET B 159 -9.19 -35.42 -31.78
C MET B 159 -8.22 -35.90 -32.86
N MET B 160 -6.92 -35.76 -32.61
CA MET B 160 -5.95 -36.16 -33.62
C MET B 160 -6.02 -37.65 -33.91
N PHE B 161 -6.15 -38.49 -32.88
CA PHE B 161 -6.06 -39.93 -33.07
C PHE B 161 -7.15 -40.44 -34.00
N TYR B 162 -8.38 -39.97 -33.84
CA TYR B 162 -9.47 -40.43 -34.70
C TYR B 162 -9.40 -39.85 -36.11
N TYR B 163 -8.77 -38.67 -36.27
CA TYR B 163 -8.75 -37.98 -37.56
C TYR B 163 -7.47 -38.27 -38.33
N SER B 164 -6.31 -38.02 -37.73
CA SER B 164 -5.04 -38.37 -38.38
C SER B 164 -4.04 -38.73 -37.29
N TRP B 165 -3.94 -40.03 -36.99
CA TRP B 165 -2.97 -40.49 -36.03
C TRP B 165 -1.55 -40.50 -36.58
N GLN B 166 -1.37 -40.36 -37.90
CA GLN B 166 -0.03 -40.28 -38.44
C GLN B 166 0.68 -39.00 -37.98
N LEU B 167 -0.07 -37.91 -37.81
CA LEU B 167 0.48 -36.68 -37.27
C LEU B 167 0.48 -36.67 -35.74
N SER B 168 -0.48 -37.35 -35.12
CA SER B 168 -0.50 -37.42 -33.66
C SER B 168 0.66 -38.24 -33.13
N ILE B 169 1.06 -39.30 -33.83
CA ILE B 169 2.18 -40.12 -33.38
C ILE B 169 3.48 -39.32 -33.39
N ILE B 170 3.56 -38.26 -34.20
CA ILE B 170 4.70 -37.35 -34.18
C ILE B 170 4.51 -36.27 -33.12
N LEU B 171 3.28 -35.77 -32.98
CA LEU B 171 3.03 -34.71 -32.00
C LEU B 171 3.27 -35.18 -30.58
N ILE B 172 2.89 -36.41 -30.26
CA ILE B 172 2.98 -36.87 -28.87
C ILE B 172 4.44 -37.06 -28.46
N VAL B 173 5.35 -37.24 -29.41
CA VAL B 173 6.78 -37.27 -29.11
C VAL B 173 7.41 -35.88 -29.22
N LEU B 174 6.83 -34.98 -30.02
CA LEU B 174 7.27 -33.60 -30.03
C LEU B 174 6.85 -32.85 -28.77
N ALA B 175 5.85 -33.37 -28.04
CA ALA B 175 5.32 -32.64 -26.89
C ALA B 175 6.34 -32.33 -25.81
N PRO B 176 7.11 -33.28 -25.27
CA PRO B 176 7.97 -32.95 -24.11
C PRO B 176 9.05 -31.91 -24.32
N ILE B 177 9.62 -31.76 -25.51
CA ILE B 177 10.64 -30.74 -25.71
C ILE B 177 10.01 -29.35 -25.64
N VAL B 178 8.90 -29.17 -26.35
CA VAL B 178 8.18 -27.91 -26.31
C VAL B 178 7.61 -27.65 -24.92
N SER B 179 7.33 -28.72 -24.16
CA SER B 179 6.82 -28.57 -22.81
C SER B 179 7.88 -28.13 -21.81
N ILE B 180 9.10 -28.65 -21.90
CA ILE B 180 10.15 -28.31 -20.95
C ILE B 180 10.94 -27.06 -21.34
N ALA B 181 10.95 -26.69 -22.62
CA ALA B 181 11.60 -25.44 -23.01
C ALA B 181 10.95 -24.25 -22.32
N ILE B 182 9.61 -24.21 -22.34
CA ILE B 182 8.91 -23.11 -21.68
C ILE B 182 9.23 -23.10 -20.19
N ARG B 183 9.29 -24.28 -19.58
CA ARG B 183 9.55 -24.35 -18.14
C ARG B 183 10.92 -23.79 -17.81
N VAL B 184 11.95 -24.16 -18.58
CA VAL B 184 13.29 -23.68 -18.25
C VAL B 184 13.41 -22.17 -18.49
N VAL B 185 12.85 -21.66 -19.59
CA VAL B 185 12.96 -20.23 -19.82
C VAL B 185 12.15 -19.44 -18.79
N SER B 186 10.97 -19.95 -18.39
CA SER B 186 10.19 -19.28 -17.36
C SER B 186 10.92 -19.30 -16.02
N LYS B 187 11.61 -20.40 -15.71
CA LYS B 187 12.40 -20.45 -14.48
C LYS B 187 13.51 -19.41 -14.51
N ARG B 188 14.16 -19.24 -15.66
CA ARG B 188 15.16 -18.19 -15.79
C ARG B 188 14.54 -16.81 -15.55
N PHE B 189 13.35 -16.57 -16.12
CA PHE B 189 12.70 -15.27 -15.96
C PHE B 189 12.38 -15.02 -14.49
N ARG B 190 11.79 -16.00 -13.82
CA ARG B 190 11.45 -15.84 -12.41
C ARG B 190 12.69 -15.67 -11.52
N ASN B 191 13.77 -16.38 -11.82
CA ASN B 191 15.00 -16.18 -11.06
C ASN B 191 15.53 -14.76 -11.23
N ILE B 192 15.46 -14.23 -12.46
CA ILE B 192 15.90 -12.86 -12.69
C ILE B 192 15.05 -11.87 -11.89
N SER B 193 13.73 -12.09 -11.90
CA SER B 193 12.84 -11.20 -11.17
C SER B 193 13.12 -11.24 -9.67
N LYS B 194 13.32 -12.45 -9.12
CA LYS B 194 13.66 -12.57 -7.71
C LYS B 194 14.99 -11.91 -7.41
N ASN B 195 15.94 -11.97 -8.34
CA ASN B 195 17.23 -11.33 -8.13
C ASN B 195 17.11 -9.81 -8.07
N MET B 196 16.33 -9.23 -8.97
CA MET B 196 16.18 -7.76 -9.03
C MET B 196 15.13 -7.22 -8.07
N GLN B 197 14.42 -8.11 -7.36
CA GLN B 197 13.60 -7.67 -6.23
C GLN B 197 14.38 -6.78 -5.28
N ASN B 198 15.65 -7.13 -5.01
CA ASN B 198 16.48 -6.30 -4.14
C ASN B 198 16.69 -4.92 -4.73
N THR B 199 16.91 -4.83 -6.05
CA THR B 199 17.15 -3.53 -6.67
C THR B 199 15.91 -2.63 -6.59
N MET B 200 14.73 -3.17 -6.89
CA MET B 200 13.54 -2.35 -6.74
C MET B 200 13.28 -1.98 -5.28
N GLY B 201 13.55 -2.89 -4.34
CA GLY B 201 13.45 -2.51 -2.94
C GLY B 201 14.39 -1.39 -2.57
N GLN B 202 15.62 -1.42 -3.11
CA GLN B 202 16.60 -0.39 -2.83
C GLN B 202 16.15 0.96 -3.37
N VAL B 203 15.62 0.99 -4.60
CA VAL B 203 15.18 2.28 -5.12
C VAL B 203 13.98 2.78 -4.32
N THR B 204 13.11 1.88 -3.88
CA THR B 204 11.99 2.30 -3.05
C THR B 204 12.46 2.94 -1.76
N THR B 205 13.45 2.33 -1.10
CA THR B 205 14.01 2.91 0.12
C THR B 205 14.63 4.27 -0.15
N SER B 206 15.43 4.38 -1.22
CA SER B 206 16.08 5.64 -1.54
C SER B 206 15.08 6.73 -1.88
N ALA B 207 13.96 6.38 -2.51
CA ALA B 207 12.95 7.37 -2.83
C ALA B 207 12.19 7.81 -1.58
N GLU B 208 11.81 6.87 -0.72
CA GLU B 208 10.98 7.24 0.43
C GLU B 208 11.79 7.96 1.51
N GLN B 209 13.09 7.68 1.64
CA GLN B 209 13.82 8.26 2.75
C GLN B 209 14.04 9.76 2.55
N MET B 210 14.23 10.21 1.32
CA MET B 210 14.32 11.65 1.06
C MET B 210 12.99 12.35 1.38
N LEU B 211 11.87 11.76 0.99
CA LEU B 211 10.59 12.37 1.30
C LEU B 211 10.34 12.36 2.81
N LYS B 212 10.88 11.38 3.52
CA LYS B 212 10.80 11.39 4.98
C LYS B 212 11.64 12.51 5.56
N GLY B 213 12.87 12.68 5.06
CA GLY B 213 13.80 13.65 5.59
C GLY B 213 13.91 14.92 4.79
N HIS B 214 12.77 15.30 4.17
CA HIS B 214 12.69 16.59 3.50
C HIS B 214 13.17 17.75 4.37
N LYS B 215 12.82 17.73 5.66
CA LYS B 215 13.25 18.81 6.55
C LYS B 215 14.77 18.93 6.58
N GLU B 216 15.45 17.84 6.92
CA GLU B 216 16.90 17.89 7.02
C GLU B 216 17.57 18.17 5.69
N VAL B 217 17.09 17.58 4.59
CA VAL B 217 17.75 17.82 3.32
C VAL B 217 17.56 19.28 2.88
N LEU B 218 16.44 19.88 3.25
CA LEU B 218 16.24 21.30 2.97
C LEU B 218 17.02 22.20 3.91
N ILE B 219 17.40 21.72 5.09
CA ILE B 219 18.03 22.60 6.08
C ILE B 219 19.36 23.13 5.57
N PHE B 220 20.21 22.27 5.00
CA PHE B 220 21.52 22.73 4.57
C PHE B 220 21.38 23.47 3.24
N GLY B 221 22.50 23.75 2.58
CA GLY B 221 22.57 24.63 1.43
C GLY B 221 21.51 24.48 0.36
N GLY B 222 21.45 23.32 -0.29
CA GLY B 222 20.52 23.14 -1.38
C GLY B 222 20.34 21.68 -1.71
N GLN B 223 19.32 21.42 -2.52
CA GLN B 223 18.96 20.07 -2.94
C GLN B 223 19.59 19.71 -4.29
N GLU B 224 20.51 20.51 -4.81
CA GLU B 224 21.19 20.15 -6.05
C GLU B 224 21.98 18.86 -5.89
N VAL B 225 22.71 18.73 -4.77
CA VAL B 225 23.43 17.49 -4.54
C VAL B 225 22.45 16.34 -4.33
N GLU B 226 21.29 16.61 -3.72
CA GLU B 226 20.32 15.56 -3.51
C GLU B 226 19.74 15.05 -4.84
N THR B 227 19.41 15.95 -5.76
CA THR B 227 18.89 15.48 -7.03
C THR B 227 19.97 14.85 -7.89
N LYS B 228 21.22 15.29 -7.75
CA LYS B 228 22.32 14.59 -8.40
C LYS B 228 22.44 13.16 -7.88
N ARG B 229 22.26 12.97 -6.56
CA ARG B 229 22.24 11.61 -6.03
C ARG B 229 21.04 10.83 -6.54
N PHE B 230 19.88 11.48 -6.64
CA PHE B 230 18.70 10.79 -7.16
C PHE B 230 18.88 10.35 -8.61
N ASP B 231 19.67 11.08 -9.38
CA ASP B 231 19.90 10.70 -10.77
C ASP B 231 20.55 9.33 -10.88
N LYS B 232 21.50 9.03 -9.98
CA LYS B 232 22.22 7.76 -10.03
C LYS B 232 21.36 6.56 -9.64
N VAL B 233 20.23 6.77 -8.97
CA VAL B 233 19.33 5.67 -8.65
C VAL B 233 18.23 5.60 -9.70
N SER B 234 17.86 6.75 -10.27
CA SER B 234 16.93 6.71 -11.40
C SER B 234 17.56 5.98 -12.58
N ASN B 235 18.84 6.21 -12.85
CA ASN B 235 19.53 5.49 -13.91
C ASN B 235 19.62 4.00 -13.60
N ARG B 236 19.91 3.66 -12.33
CA ARG B 236 20.02 2.25 -11.96
C ARG B 236 18.67 1.55 -12.02
N MET B 237 17.57 2.25 -11.79
CA MET B 237 16.25 1.67 -12.01
C MET B 237 15.88 1.61 -13.47
N ARG B 238 16.32 2.56 -14.28
CA ARG B 238 16.11 2.48 -15.72
C ARG B 238 16.81 1.27 -16.30
N LEU B 239 18.06 1.04 -15.89
CA LEU B 239 18.85 -0.02 -16.50
C LEU B 239 18.32 -1.40 -16.16
N GLN B 240 17.58 -1.55 -15.06
CA GLN B 240 16.96 -2.82 -14.73
C GLN B 240 15.50 -2.90 -15.19
N GLY B 241 14.83 -1.77 -15.37
CA GLY B 241 13.56 -1.79 -16.08
C GLY B 241 13.73 -2.21 -17.52
N MET B 242 14.86 -1.83 -18.12
CA MET B 242 15.24 -2.40 -19.41
C MET B 242 15.37 -3.91 -19.33
N LYS B 243 16.06 -4.40 -18.30
CA LYS B 243 16.36 -5.82 -18.23
C LYS B 243 15.15 -6.67 -17.89
N MET B 244 14.14 -6.10 -17.20
CA MET B 244 12.87 -6.80 -17.03
C MET B 244 12.31 -7.23 -18.37
N VAL B 245 12.18 -6.28 -19.30
CA VAL B 245 11.63 -6.62 -20.61
C VAL B 245 12.62 -7.43 -21.43
N SER B 246 13.91 -7.15 -21.34
CA SER B 246 14.88 -7.94 -22.10
C SER B 246 14.95 -9.39 -21.61
N ALA B 247 14.46 -9.68 -20.40
CA ALA B 247 14.39 -11.04 -19.89
C ALA B 247 13.04 -11.69 -20.06
N SER B 248 11.95 -10.92 -20.07
CA SER B 248 10.61 -11.47 -20.24
C SER B 248 10.17 -11.60 -21.68
N SER B 249 10.51 -10.64 -22.53
CA SER B 249 10.15 -10.66 -23.95
C SER B 249 11.13 -11.48 -24.79
N ILE B 250 12.08 -12.17 -24.16
CA ILE B 250 12.86 -13.20 -24.86
C ILE B 250 12.20 -14.55 -24.66
N SER B 251 11.45 -14.74 -23.57
CA SER B 251 10.82 -16.02 -23.31
C SER B 251 9.75 -16.33 -24.36
N ASP B 252 8.83 -15.41 -24.59
CA ASP B 252 7.72 -15.70 -25.49
C ASP B 252 8.16 -15.90 -26.94
N PRO B 253 9.00 -15.05 -27.53
CA PRO B 253 9.47 -15.36 -28.89
C PRO B 253 10.21 -16.69 -28.99
N ILE B 254 11.02 -17.04 -28.00
CA ILE B 254 11.74 -18.31 -28.06
C ILE B 254 10.76 -19.48 -27.97
N ILE B 255 9.77 -19.37 -27.08
CA ILE B 255 8.76 -20.42 -26.97
C ILE B 255 8.01 -20.57 -28.26
N GLN B 256 7.60 -19.44 -28.87
CA GLN B 256 6.87 -19.51 -30.12
C GLN B 256 7.75 -20.04 -31.24
N LEU B 257 9.05 -19.77 -31.21
CA LEU B 257 9.92 -20.28 -32.27
C LEU B 257 10.12 -21.79 -32.13
N ILE B 258 10.26 -22.29 -30.91
CA ILE B 258 10.34 -23.74 -30.74
C ILE B 258 9.04 -24.40 -31.16
N ALA B 259 7.91 -23.82 -30.73
CA ALA B 259 6.61 -24.34 -31.14
C ALA B 259 6.42 -24.25 -32.65
N SER B 260 7.02 -23.24 -33.29
CA SER B 260 6.95 -23.09 -34.73
C SER B 260 7.85 -24.07 -35.45
N LEU B 261 9.00 -24.42 -34.87
CA LEU B 261 9.78 -25.52 -35.41
C LEU B 261 8.97 -26.81 -35.37
N ALA B 262 8.24 -27.03 -34.28
CA ALA B 262 7.35 -28.19 -34.23
C ALA B 262 6.25 -28.11 -35.28
N LEU B 263 5.69 -26.91 -35.48
CA LEU B 263 4.67 -26.72 -36.51
C LEU B 263 5.23 -27.03 -37.90
N ALA B 264 6.44 -26.55 -38.18
CA ALA B 264 7.09 -26.87 -39.44
C ALA B 264 7.36 -28.36 -39.55
N PHE B 265 7.68 -29.02 -38.44
CA PHE B 265 7.89 -30.47 -38.48
C PHE B 265 6.61 -31.18 -38.91
N VAL B 266 5.48 -30.85 -38.28
CA VAL B 266 4.25 -31.55 -38.64
C VAL B 266 3.82 -31.19 -40.06
N LEU B 267 4.05 -29.95 -40.49
CA LEU B 267 3.69 -29.60 -41.86
C LEU B 267 4.61 -30.28 -42.88
N TYR B 268 5.91 -30.38 -42.58
CA TYR B 268 6.82 -31.12 -43.42
C TYR B 268 6.45 -32.60 -43.46
N ALA B 269 5.80 -33.10 -42.40
CA ALA B 269 5.18 -34.43 -42.43
C ALA B 269 3.90 -34.34 -43.26
N ALA B 270 4.10 -34.06 -44.54
CA ALA B 270 3.05 -33.84 -45.53
C ALA B 270 2.77 -35.17 -46.22
N SER B 271 2.15 -35.12 -47.40
CA SER B 271 2.16 -36.26 -48.32
C SER B 271 3.49 -36.39 -49.05
N PHE B 272 4.53 -35.68 -48.59
CA PHE B 272 5.91 -35.98 -48.98
C PHE B 272 6.20 -37.48 -49.04
N PRO B 273 5.77 -38.30 -48.09
CA PRO B 273 5.72 -39.75 -48.35
C PRO B 273 4.41 -40.07 -49.06
N SER B 274 4.51 -40.70 -50.24
CA SER B 274 3.31 -41.03 -50.99
C SER B 274 2.39 -41.97 -50.22
N VAL B 275 2.93 -42.73 -49.26
CA VAL B 275 2.09 -43.52 -48.38
C VAL B 275 1.24 -42.61 -47.49
N MET B 276 1.79 -41.44 -47.14
CA MET B 276 1.11 -40.50 -46.23
C MET B 276 0.13 -39.61 -47.01
N ASP B 277 -0.77 -40.27 -47.74
CA ASP B 277 -1.75 -39.60 -48.59
C ASP B 277 -3.17 -39.72 -48.03
N SER B 278 -3.31 -39.98 -46.74
CA SER B 278 -4.63 -40.11 -46.13
C SER B 278 -5.27 -38.77 -45.80
N LEU B 279 -4.56 -37.67 -45.99
CA LEU B 279 -5.02 -36.35 -45.56
C LEU B 279 -5.57 -35.59 -46.76
N THR B 280 -6.86 -35.26 -46.72
CA THR B 280 -7.45 -34.30 -47.64
C THR B 280 -7.38 -32.92 -46.99
N ALA B 281 -7.97 -31.92 -47.65
CA ALA B 281 -7.92 -30.56 -47.12
C ALA B 281 -8.63 -30.46 -45.77
N GLY B 282 -9.81 -31.06 -45.65
CA GLY B 282 -10.49 -31.05 -44.37
C GLY B 282 -9.76 -31.84 -43.31
N THR B 283 -9.11 -32.94 -43.70
CA THR B 283 -8.39 -33.76 -42.73
C THR B 283 -7.15 -33.03 -42.19
N ILE B 284 -6.47 -32.27 -43.05
CA ILE B 284 -5.26 -31.57 -42.60
C ILE B 284 -5.62 -30.28 -41.90
N THR B 285 -6.71 -29.62 -42.27
CA THR B 285 -7.02 -28.31 -41.69
C THR B 285 -7.29 -28.42 -40.20
N VAL B 286 -8.03 -29.44 -39.78
CA VAL B 286 -8.34 -29.61 -38.36
C VAL B 286 -7.08 -29.82 -37.54
N VAL B 287 -6.16 -30.68 -38.02
CA VAL B 287 -4.95 -30.95 -37.25
C VAL B 287 -4.04 -29.73 -37.25
N PHE B 288 -3.89 -29.10 -38.41
CA PHE B 288 -3.02 -27.94 -38.54
C PHE B 288 -3.58 -26.73 -37.80
N SER B 289 -4.88 -26.73 -37.47
CA SER B 289 -5.49 -25.70 -36.65
C SER B 289 -5.42 -26.00 -35.17
N SER B 290 -5.64 -27.27 -34.79
CA SER B 290 -5.45 -27.65 -33.40
C SER B 290 -4.00 -27.53 -32.98
N MET B 291 -3.07 -27.59 -33.94
CA MET B 291 -1.68 -27.26 -33.67
C MET B 291 -1.57 -25.90 -32.97
N ILE B 292 -2.35 -24.94 -33.44
CA ILE B 292 -2.29 -23.58 -32.91
C ILE B 292 -3.19 -23.45 -31.71
N ALA B 293 -4.31 -24.17 -31.69
CA ALA B 293 -5.13 -24.21 -30.49
C ALA B 293 -4.37 -24.79 -29.30
N LEU B 294 -3.32 -25.56 -29.55
CA LEU B 294 -2.48 -26.15 -28.52
C LEU B 294 -1.47 -25.18 -27.91
N MET B 295 -1.58 -23.87 -28.16
CA MET B 295 -0.61 -22.93 -27.61
C MET B 295 -0.96 -22.53 -26.18
N ARG B 296 -2.19 -22.08 -25.95
CA ARG B 296 -2.61 -21.70 -24.62
C ARG B 296 -2.51 -22.86 -23.63
N PRO B 297 -3.04 -24.05 -23.92
CA PRO B 297 -3.06 -25.08 -22.88
C PRO B 297 -1.70 -25.60 -22.49
N LEU B 298 -0.81 -25.87 -23.45
CA LEU B 298 0.51 -26.38 -23.09
C LEU B 298 1.36 -25.31 -22.42
N LYS B 299 1.09 -24.03 -22.68
CA LYS B 299 1.74 -22.96 -21.95
C LYS B 299 1.25 -22.90 -20.51
N SER B 300 -0.07 -22.95 -20.31
CA SER B 300 -0.62 -22.81 -18.97
C SER B 300 -0.36 -24.04 -18.12
N LEU B 301 -0.27 -25.23 -18.73
CA LEU B 301 0.00 -26.45 -17.96
C LEU B 301 1.37 -26.42 -17.30
N THR B 302 2.30 -25.57 -17.75
CA THR B 302 3.60 -25.42 -17.15
C THR B 302 3.77 -24.10 -16.41
N ASN B 303 2.95 -23.09 -16.71
CA ASN B 303 2.90 -21.89 -15.89
C ASN B 303 1.97 -22.00 -14.68
N VAL B 304 1.23 -23.10 -14.55
CA VAL B 304 0.31 -23.24 -13.42
C VAL B 304 1.07 -23.32 -12.11
N ASN B 305 2.15 -24.10 -12.06
CA ASN B 305 2.87 -24.29 -10.80
C ASN B 305 3.54 -23.02 -10.31
N ALA B 306 3.68 -21.99 -11.15
CA ALA B 306 4.15 -20.70 -10.70
C ALA B 306 3.11 -19.93 -9.91
N GLN B 307 1.82 -20.29 -10.04
CA GLN B 307 0.74 -19.65 -9.31
C GLN B 307 0.14 -20.53 -8.22
N PHE B 308 0.10 -21.84 -8.42
CA PHE B 308 -0.44 -22.71 -7.39
C PHE B 308 0.39 -22.64 -6.12
N GLN B 309 1.71 -22.85 -6.22
CA GLN B 309 2.60 -22.80 -5.07
C GLN B 309 2.79 -21.38 -4.54
N ARG B 310 2.37 -20.36 -5.28
CA ARG B 310 2.41 -18.97 -4.83
C ARG B 310 1.16 -18.57 -4.06
N GLY B 311 -0.02 -18.92 -4.58
CA GLY B 311 -1.22 -18.80 -3.78
C GLY B 311 -1.13 -19.62 -2.51
N MET B 312 -0.53 -20.81 -2.60
CA MET B 312 -0.32 -21.59 -1.39
C MET B 312 0.74 -20.97 -0.48
N ALA B 313 1.72 -20.25 -1.04
CA ALA B 313 2.65 -19.52 -0.18
C ALA B 313 1.92 -18.41 0.59
N ALA B 314 1.02 -17.70 -0.08
CA ALA B 314 0.22 -16.70 0.62
C ALA B 314 -0.66 -17.35 1.69
N CYS B 315 -1.25 -18.51 1.37
CA CYS B 315 -2.02 -19.23 2.37
C CYS B 315 -1.13 -19.70 3.52
N GLN B 316 0.13 -20.01 3.25
CA GLN B 316 1.04 -20.38 4.33
C GLN B 316 1.33 -19.19 5.22
N THR B 317 1.45 -17.99 4.63
CA THR B 317 1.57 -16.79 5.46
C THR B 317 0.34 -16.61 6.34
N LEU B 318 -0.85 -16.77 5.75
CA LEU B 318 -2.07 -16.68 6.55
C LEU B 318 -2.12 -17.75 7.62
N PHE B 319 -1.54 -18.92 7.35
CA PHE B 319 -1.52 -19.97 8.36
C PHE B 319 -0.48 -19.73 9.44
N THR B 320 0.61 -19.01 9.14
CA THR B 320 1.46 -18.52 10.20
C THR B 320 0.72 -17.54 11.09
N ILE B 321 -0.11 -16.68 10.48
CA ILE B 321 -0.93 -15.77 11.27
C ILE B 321 -1.90 -16.56 12.15
N LEU B 322 -2.57 -17.55 11.55
CA LEU B 322 -3.64 -18.26 12.25
C LEU B 322 -3.10 -19.15 13.36
N ASP B 323 -1.99 -19.87 13.11
CA ASP B 323 -1.43 -20.75 14.12
C ASP B 323 -0.74 -20.00 15.25
N SER B 324 -0.52 -18.70 15.10
CA SER B 324 -0.02 -17.90 16.21
C SER B 324 -1.00 -17.99 17.37
N GLU B 325 -0.47 -18.28 18.56
CA GLU B 325 -1.32 -18.63 19.69
C GLU B 325 -2.16 -17.44 20.12
N GLN B 326 -3.39 -17.75 20.54
CA GLN B 326 -4.27 -16.76 21.14
C GLN B 326 -3.72 -16.37 22.51
N GLU B 327 -4.42 -15.45 23.19
CA GLU B 327 -4.12 -15.20 24.59
C GLU B 327 -4.27 -16.49 25.38
N LYS B 328 -3.30 -16.76 26.24
CA LYS B 328 -3.34 -17.98 27.05
C LYS B 328 -4.35 -17.75 28.16
N ASP B 329 -5.57 -18.20 27.93
CA ASP B 329 -6.67 -18.08 28.88
C ASP B 329 -6.83 -19.40 29.63
N GLU B 330 -6.60 -19.35 30.95
CA GLU B 330 -6.76 -20.52 31.79
C GLU B 330 -7.47 -20.22 33.10
N GLY B 331 -7.81 -18.97 33.38
CA GLY B 331 -8.50 -18.66 34.62
C GLY B 331 -9.91 -19.20 34.63
N LYS B 332 -10.37 -19.54 35.84
CA LYS B 332 -11.69 -20.13 36.06
C LYS B 332 -12.49 -19.36 37.11
N ARG B 333 -12.23 -18.07 37.26
CA ARG B 333 -12.84 -17.24 38.28
C ARG B 333 -13.54 -16.05 37.66
N VAL B 334 -14.66 -15.66 38.26
CA VAL B 334 -15.46 -14.52 37.82
C VAL B 334 -15.87 -13.72 39.04
N ILE B 335 -15.87 -12.39 38.91
CA ILE B 335 -16.19 -11.49 40.01
C ILE B 335 -17.16 -10.45 39.49
N GLU B 336 -18.28 -10.27 40.19
CA GLU B 336 -19.27 -9.27 39.78
C GLU B 336 -18.85 -7.86 40.15
N ARG B 337 -18.18 -7.68 41.29
CA ARG B 337 -17.77 -6.36 41.75
C ARG B 337 -16.50 -6.54 42.57
N ALA B 338 -15.37 -6.07 42.02
CA ALA B 338 -14.09 -6.26 42.69
C ALA B 338 -14.00 -5.34 43.92
N THR B 339 -14.61 -5.76 45.01
CA THR B 339 -14.63 -4.92 46.22
C THR B 339 -13.24 -4.81 46.83
N GLY B 340 -12.46 -5.88 46.79
CA GLY B 340 -11.19 -5.92 47.47
C GLY B 340 -10.17 -4.98 46.86
N ASP B 341 -9.09 -4.75 47.62
CA ASP B 341 -8.03 -3.86 47.19
C ASP B 341 -7.34 -4.40 45.95
N VAL B 342 -6.88 -3.49 45.09
CA VAL B 342 -6.04 -3.82 43.95
C VAL B 342 -4.66 -3.20 44.19
N GLU B 343 -3.62 -4.02 44.05
CA GLU B 343 -2.26 -3.60 44.40
C GLU B 343 -1.26 -4.36 43.53
N PHE B 344 -0.07 -3.80 43.47
CA PHE B 344 1.07 -4.40 42.77
C PHE B 344 2.09 -4.87 43.80
N ARG B 345 2.83 -5.93 43.45
CA ARG B 345 3.83 -6.50 44.33
C ARG B 345 5.02 -6.96 43.51
N ASN B 346 6.16 -6.29 43.69
CA ASN B 346 7.44 -6.54 43.00
C ASN B 346 7.23 -6.97 41.54
N VAL B 347 6.56 -6.11 40.79
CA VAL B 347 6.21 -6.43 39.39
C VAL B 347 7.34 -5.92 38.51
N THR B 348 8.31 -6.80 38.27
CA THR B 348 9.34 -6.57 37.26
C THR B 348 8.80 -7.01 35.91
N PHE B 349 8.86 -6.11 34.92
CA PHE B 349 8.24 -6.36 33.64
C PHE B 349 9.07 -5.72 32.53
N THR B 350 9.19 -6.42 31.41
CA THR B 350 9.84 -5.93 30.21
C THR B 350 8.88 -6.12 29.03
N TYR B 351 8.79 -5.10 28.18
CA TYR B 351 7.99 -5.24 26.97
C TYR B 351 8.61 -6.31 26.07
N PRO B 352 7.79 -7.05 25.30
CA PRO B 352 8.38 -7.98 24.34
C PRO B 352 9.09 -7.24 23.22
N GLY B 353 10.40 -7.45 23.09
CA GLY B 353 11.21 -6.73 22.14
C GLY B 353 12.02 -5.58 22.73
N ARG B 354 12.09 -5.47 24.05
CA ARG B 354 12.89 -4.44 24.72
C ARG B 354 13.71 -5.09 25.83
N ASP B 355 14.94 -4.61 25.98
CA ASP B 355 15.87 -5.13 26.97
C ASP B 355 15.89 -4.32 28.26
N VAL B 356 15.89 -3.00 28.17
CA VAL B 356 15.90 -2.14 29.36
C VAL B 356 14.55 -2.29 30.04
N PRO B 357 14.47 -2.72 31.30
CA PRO B 357 13.15 -2.83 31.94
C PRO B 357 12.52 -1.45 32.13
N ALA B 358 11.29 -1.30 31.63
CA ALA B 358 10.51 -0.09 31.87
C ALA B 358 9.84 -0.09 33.22
N LEU B 359 9.82 -1.23 33.93
CA LEU B 359 9.23 -1.29 35.26
C LEU B 359 9.88 -2.45 36.01
N ARG B 360 10.71 -2.13 36.99
CA ARG B 360 11.28 -3.14 37.88
C ARG B 360 10.35 -3.29 39.09
N ASN B 361 10.84 -3.89 40.18
CA ASN B 361 9.99 -4.24 41.32
C ASN B 361 9.24 -3.01 41.85
N ILE B 362 7.93 -3.16 42.00
CA ILE B 362 7.05 -2.12 42.51
C ILE B 362 6.11 -2.76 43.54
N ASN B 363 5.94 -2.08 44.67
CA ASN B 363 5.06 -2.52 45.76
C ASN B 363 3.90 -1.54 45.94
N LEU B 364 3.37 -1.03 44.83
CA LEU B 364 2.31 -0.03 44.87
C LEU B 364 0.99 -0.67 45.26
N LYS B 365 0.20 0.08 46.03
CA LYS B 365 -1.13 -0.35 46.46
C LYS B 365 -2.14 0.76 46.18
N ILE B 366 -3.35 0.36 45.82
CA ILE B 366 -4.44 1.27 45.50
C ILE B 366 -5.58 0.97 46.46
N PRO B 367 -5.67 1.65 47.60
CA PRO B 367 -6.77 1.41 48.53
C PRO B 367 -8.13 1.65 47.90
N ALA B 368 -9.11 0.88 48.36
CA ALA B 368 -10.46 0.95 47.81
C ALA B 368 -11.06 2.33 48.05
N GLY B 369 -11.76 2.85 47.05
CA GLY B 369 -12.39 4.15 47.18
C GLY B 369 -11.43 5.30 47.21
N LYS B 370 -10.22 5.14 46.67
CA LYS B 370 -9.20 6.16 46.67
C LYS B 370 -8.46 6.15 45.34
N THR B 371 -7.84 7.29 45.02
CA THR B 371 -7.24 7.53 43.71
C THR B 371 -5.73 7.61 43.81
N VAL B 372 -5.07 7.28 42.70
CA VAL B 372 -3.61 7.34 42.56
C VAL B 372 -3.29 8.14 41.32
N ALA B 373 -2.39 9.11 41.45
CA ALA B 373 -2.04 10.05 40.38
C ALA B 373 -0.55 9.94 40.09
N LEU B 374 -0.19 9.56 38.87
CA LEU B 374 1.19 9.44 38.41
C LEU B 374 1.48 10.57 37.43
N VAL B 375 2.43 11.45 37.78
CA VAL B 375 2.77 12.57 36.92
C VAL B 375 3.33 12.02 35.60
N GLY B 376 2.82 12.54 34.48
CA GLY B 376 3.03 11.92 33.20
C GLY B 376 4.09 12.52 32.29
N ARG B 377 5.01 13.32 32.84
CA ARG B 377 6.03 13.95 32.00
C ARG B 377 7.17 13.02 31.64
N SER B 378 7.48 12.03 32.47
CA SER B 378 8.66 11.20 32.23
C SER B 378 8.51 10.34 30.98
N GLY B 379 7.32 9.76 30.77
CA GLY B 379 7.09 8.91 29.62
C GLY B 379 7.58 7.49 29.76
N SER B 380 7.90 7.05 30.98
CA SER B 380 8.34 5.69 31.26
C SER B 380 7.54 5.15 32.42
N GLY B 381 7.10 3.90 32.31
CA GLY B 381 6.27 3.30 33.36
C GLY B 381 4.95 4.01 33.55
N LYS B 382 4.35 4.47 32.44
CA LYS B 382 3.05 5.18 32.51
C LYS B 382 1.96 4.28 31.93
N SER B 383 2.10 3.90 30.66
CA SER B 383 1.08 3.07 30.03
C SER B 383 1.20 1.60 30.42
N THR B 384 2.37 1.13 30.83
CA THR B 384 2.54 -0.26 31.22
C THR B 384 1.90 -0.57 32.57
N ILE B 385 1.87 0.39 33.49
CA ILE B 385 1.17 0.16 34.74
C ILE B 385 -0.33 0.11 34.48
N ALA B 386 -0.82 0.94 33.56
CA ALA B 386 -2.21 0.86 33.15
C ALA B 386 -2.51 -0.47 32.48
N SER B 387 -1.61 -0.92 31.60
CA SER B 387 -1.86 -2.14 30.83
C SER B 387 -1.84 -3.39 31.70
N LEU B 388 -1.00 -3.42 32.73
CA LEU B 388 -0.84 -4.64 33.51
C LEU B 388 -2.07 -4.99 34.33
N ILE B 389 -3.02 -4.05 34.52
CA ILE B 389 -4.24 -4.38 35.24
C ILE B 389 -5.23 -5.08 34.32
N THR B 390 -5.21 -4.77 33.03
CA THR B 390 -6.14 -5.33 32.07
C THR B 390 -5.63 -6.62 31.43
N ARG B 391 -4.49 -7.14 31.86
CA ARG B 391 -3.86 -8.33 31.28
C ARG B 391 -3.63 -8.14 29.78
N PHE B 392 -3.37 -6.89 29.38
CA PHE B 392 -2.91 -6.63 28.02
C PHE B 392 -1.59 -7.36 27.77
N TYR B 393 -0.56 -7.01 28.54
CA TYR B 393 0.70 -7.74 28.58
C TYR B 393 0.81 -8.40 29.95
N ASP B 394 0.96 -9.71 29.96
CA ASP B 394 1.07 -10.41 31.23
C ASP B 394 2.36 -10.04 31.95
N ILE B 395 2.31 -10.12 33.27
CA ILE B 395 3.46 -9.78 34.12
C ILE B 395 4.58 -10.79 33.86
N ASP B 396 5.81 -10.29 33.73
CA ASP B 396 6.95 -11.18 33.61
C ASP B 396 7.27 -11.84 34.95
N GLU B 397 7.66 -11.05 35.95
CA GLU B 397 7.89 -11.53 37.33
C GLU B 397 7.13 -10.61 38.26
N GLY B 398 6.20 -11.16 39.04
CA GLY B 398 5.50 -10.36 40.02
C GLY B 398 4.18 -10.98 40.40
N GLU B 399 3.47 -10.28 41.28
CA GLU B 399 2.15 -10.66 41.76
C GLU B 399 1.24 -9.44 41.70
N ILE B 400 0.02 -9.64 41.19
CA ILE B 400 -1.00 -8.61 41.14
C ILE B 400 -2.28 -9.23 41.68
N LEU B 401 -2.82 -8.61 42.74
CA LEU B 401 -3.93 -9.19 43.51
C LEU B 401 -5.13 -8.26 43.46
N MET B 402 -6.31 -8.83 43.21
CA MET B 402 -7.59 -8.16 43.43
C MET B 402 -8.48 -9.08 44.24
N ASP B 403 -8.93 -8.59 45.40
CA ASP B 403 -9.78 -9.41 46.31
C ASP B 403 -8.96 -10.63 46.75
N GLY B 404 -7.78 -10.40 47.34
CA GLY B 404 -6.99 -11.52 47.84
C GLY B 404 -6.21 -12.34 46.83
N HIS B 405 -6.85 -12.74 45.74
CA HIS B 405 -6.30 -13.75 44.85
C HIS B 405 -5.54 -13.10 43.70
N ASP B 406 -4.65 -13.88 43.08
CA ASP B 406 -3.79 -13.35 42.06
C ASP B 406 -4.58 -12.98 40.80
N LEU B 407 -3.96 -12.15 39.96
CA LEU B 407 -4.63 -11.63 38.77
C LEU B 407 -4.96 -12.74 37.80
N ARG B 408 -4.07 -13.70 37.63
CA ARG B 408 -4.22 -14.72 36.59
C ARG B 408 -5.30 -15.74 36.89
N GLU B 409 -5.86 -15.75 38.11
CA GLU B 409 -6.90 -16.73 38.43
C GLU B 409 -8.22 -16.46 37.73
N TYR B 410 -8.48 -15.21 37.36
CA TYR B 410 -9.69 -14.86 36.64
C TYR B 410 -9.53 -15.14 35.16
N THR B 411 -10.65 -15.50 34.52
CA THR B 411 -10.68 -15.51 33.06
C THR B 411 -10.68 -14.08 32.55
N LEU B 412 -10.13 -13.88 31.35
CA LEU B 412 -10.01 -12.53 30.82
C LEU B 412 -11.37 -11.89 30.55
N ALA B 413 -12.33 -12.67 30.05
CA ALA B 413 -13.66 -12.13 29.81
C ALA B 413 -14.29 -11.63 31.11
N SER B 414 -14.03 -12.30 32.22
CA SER B 414 -14.52 -11.83 33.51
C SER B 414 -13.73 -10.63 34.01
N LEU B 415 -12.41 -10.64 33.84
CA LEU B 415 -11.57 -9.60 34.42
C LEU B 415 -11.77 -8.26 33.72
N ARG B 416 -11.75 -8.27 32.39
CA ARG B 416 -11.63 -7.04 31.62
C ARG B 416 -12.81 -6.10 31.82
N ASN B 417 -13.99 -6.62 32.13
CA ASN B 417 -15.10 -5.75 32.48
C ASN B 417 -14.90 -5.07 33.83
N GLN B 418 -14.02 -5.61 34.68
CA GLN B 418 -13.77 -5.02 35.99
C GLN B 418 -12.90 -3.77 35.91
N VAL B 419 -12.34 -3.45 34.75
CA VAL B 419 -11.52 -2.26 34.55
C VAL B 419 -12.02 -1.55 33.30
N ALA B 420 -12.14 -0.22 33.38
CA ALA B 420 -12.60 0.60 32.28
C ALA B 420 -11.63 1.76 32.09
N LEU B 421 -10.95 1.79 30.95
CA LEU B 421 -10.01 2.86 30.62
C LEU B 421 -10.77 4.01 29.98
N VAL B 422 -10.38 5.23 30.34
CA VAL B 422 -10.94 6.45 29.77
C VAL B 422 -9.78 7.33 29.34
N SER B 423 -9.85 7.82 28.10
CA SER B 423 -8.78 8.63 27.53
C SER B 423 -9.34 9.55 26.47
N GLN B 424 -8.61 10.65 26.21
CA GLN B 424 -8.97 11.53 25.11
C GLN B 424 -8.76 10.83 23.77
N ASN B 425 -7.63 10.17 23.60
CA ASN B 425 -7.37 9.37 22.41
C ASN B 425 -8.08 8.03 22.59
N VAL B 426 -9.40 8.04 22.33
CA VAL B 426 -10.26 6.88 22.57
C VAL B 426 -10.82 6.43 21.22
N HIS B 427 -10.80 5.12 20.99
CA HIS B 427 -11.34 4.54 19.78
C HIS B 427 -12.86 4.55 19.84
N LEU B 428 -13.49 5.07 18.79
CA LEU B 428 -14.94 5.10 18.68
C LEU B 428 -15.38 4.17 17.55
N PHE B 429 -16.47 3.45 17.79
CA PHE B 429 -16.92 2.43 16.86
C PHE B 429 -17.67 3.04 15.69
N ASN B 430 -17.84 2.24 14.64
CA ASN B 430 -18.64 2.66 13.49
C ASN B 430 -20.12 2.78 13.82
N ASP B 431 -20.57 2.13 14.89
CA ASP B 431 -22.00 2.09 15.22
C ASP B 431 -22.44 3.44 15.77
N THR B 432 -23.69 3.51 16.20
CA THR B 432 -24.25 4.75 16.70
C THR B 432 -23.78 5.03 18.13
N VAL B 433 -24.13 6.23 18.61
CA VAL B 433 -23.77 6.64 19.97
C VAL B 433 -24.52 5.87 21.03
N ALA B 434 -25.69 5.32 20.71
CA ALA B 434 -26.43 4.47 21.64
C ALA B 434 -25.89 3.05 21.68
N ASN B 435 -25.04 2.66 20.74
CA ASN B 435 -24.42 1.35 20.71
C ASN B 435 -22.99 1.34 21.23
N ASN B 436 -22.14 2.27 20.75
CA ASN B 436 -20.76 2.28 21.24
C ASN B 436 -20.68 2.56 22.73
N ILE B 437 -21.63 3.33 23.28
CA ILE B 437 -21.69 3.52 24.72
C ILE B 437 -21.89 2.22 25.47
N ALA B 438 -22.54 1.24 24.85
CA ALA B 438 -22.95 0.01 25.51
C ALA B 438 -22.53 -1.20 24.69
N TYR B 439 -21.30 -1.19 24.18
CA TYR B 439 -20.80 -2.32 23.42
C TYR B 439 -20.75 -3.56 24.30
N ALA B 440 -21.31 -4.66 23.79
CA ALA B 440 -21.54 -5.88 24.56
C ALA B 440 -22.40 -5.61 25.80
N ARG B 441 -23.22 -4.57 25.76
CA ARG B 441 -24.13 -4.23 26.84
C ARG B 441 -25.50 -3.76 26.34
N THR B 442 -25.80 -3.92 25.05
CA THR B 442 -27.17 -3.74 24.60
C THR B 442 -28.08 -4.78 25.24
N GLU B 443 -27.56 -5.97 25.51
CA GLU B 443 -28.38 -7.06 26.03
C GLU B 443 -28.82 -6.80 27.46
N GLN B 444 -27.89 -6.43 28.34
CA GLN B 444 -28.15 -6.35 29.78
C GLN B 444 -28.34 -4.91 30.28
N TYR B 445 -28.44 -3.93 29.38
CA TYR B 445 -28.71 -2.55 29.78
C TYR B 445 -29.57 -1.89 28.70
N SER B 446 -30.56 -1.13 29.15
CA SER B 446 -31.67 -0.68 28.33
C SER B 446 -31.56 0.82 28.04
N ARG B 447 -32.52 1.30 27.24
CA ARG B 447 -32.52 2.70 26.80
C ARG B 447 -32.60 3.64 28.00
N GLU B 448 -33.31 3.23 29.07
CA GLU B 448 -33.34 4.08 30.26
C GLU B 448 -31.94 4.20 30.86
N GLN B 449 -31.20 3.08 30.90
CA GLN B 449 -29.86 3.13 31.45
C GLN B 449 -28.96 4.01 30.59
N ILE B 450 -29.11 3.94 29.26
CA ILE B 450 -28.34 4.84 28.40
C ILE B 450 -28.70 6.29 28.70
N GLU B 451 -29.97 6.56 28.96
CA GLU B 451 -30.39 7.93 29.25
C GLU B 451 -29.78 8.45 30.54
N GLU B 452 -29.78 7.64 31.61
CA GLU B 452 -29.14 8.13 32.84
C GLU B 452 -27.63 8.23 32.66
N ALA B 453 -27.02 7.34 31.87
CA ALA B 453 -25.60 7.45 31.59
C ALA B 453 -25.28 8.78 30.91
N ALA B 454 -26.06 9.16 29.90
CA ALA B 454 -25.87 10.44 29.25
C ALA B 454 -26.15 11.61 30.19
N ARG B 455 -27.20 11.51 31.00
CA ARG B 455 -27.56 12.60 31.91
C ARG B 455 -26.49 12.83 32.97
N MET B 456 -26.05 11.75 33.62
CA MET B 456 -25.06 11.88 34.72
C MET B 456 -23.69 12.23 34.14
N ALA B 457 -23.36 11.73 32.94
CA ALA B 457 -22.06 11.99 32.36
C ALA B 457 -21.93 13.39 31.76
N TYR B 458 -23.02 14.15 31.70
CA TYR B 458 -23.02 15.48 31.10
C TYR B 458 -22.49 15.45 29.68
N ALA B 459 -23.11 14.61 28.84
CA ALA B 459 -22.92 14.63 27.40
C ALA B 459 -23.97 15.48 26.70
N MET B 460 -24.59 16.42 27.43
CA MET B 460 -25.81 17.08 26.98
C MET B 460 -25.56 18.11 25.90
N ASP B 461 -24.37 18.71 25.83
CA ASP B 461 -24.12 19.73 24.84
C ASP B 461 -24.23 19.16 23.43
N PHE B 462 -23.76 17.93 23.22
CA PHE B 462 -23.93 17.25 21.94
C PHE B 462 -25.23 16.45 21.91
N ILE B 463 -25.38 15.48 22.82
CA ILE B 463 -26.48 14.52 22.71
C ILE B 463 -27.28 14.46 24.01
N ASN B 464 -28.19 15.41 24.19
CA ASN B 464 -29.36 15.20 25.06
C ASN B 464 -30.61 15.91 24.55
N LYS B 465 -30.44 16.98 23.77
CA LYS B 465 -31.53 17.94 23.58
C LYS B 465 -32.53 17.48 22.53
N MET B 466 -32.06 16.88 21.45
CA MET B 466 -32.92 16.48 20.35
C MET B 466 -33.90 15.41 20.78
N ASP B 467 -35.09 15.43 20.17
CA ASP B 467 -36.07 14.38 20.36
C ASP B 467 -35.70 13.08 19.66
N ASN B 468 -34.66 13.10 18.81
CA ASN B 468 -34.11 11.84 18.31
C ASN B 468 -33.64 10.95 19.46
N GLY B 469 -33.13 11.57 20.53
CA GLY B 469 -32.91 10.87 21.77
C GLY B 469 -31.57 10.16 21.88
N LEU B 470 -31.58 8.86 21.61
CA LEU B 470 -30.45 7.99 21.91
C LEU B 470 -29.57 7.72 20.70
N ASP B 471 -30.16 7.26 19.59
CA ASP B 471 -29.42 6.75 18.46
C ASP B 471 -29.17 7.87 17.45
N THR B 472 -27.91 8.26 17.32
CA THR B 472 -27.45 9.16 16.27
C THR B 472 -26.12 8.65 15.75
N VAL B 473 -25.87 8.86 14.46
CA VAL B 473 -24.60 8.44 13.86
C VAL B 473 -23.52 9.38 14.37
N ILE B 474 -22.49 8.80 15.00
CA ILE B 474 -21.43 9.57 15.67
C ILE B 474 -20.05 9.06 15.31
N GLY B 475 -19.94 7.86 14.75
CA GLY B 475 -18.68 7.20 14.52
C GLY B 475 -18.03 7.57 13.21
N GLU B 476 -17.15 6.69 12.74
CA GLU B 476 -16.51 6.88 11.46
C GLU B 476 -17.56 6.90 10.35
N ASN B 477 -17.32 7.72 9.34
CA ASN B 477 -18.34 8.02 8.32
C ASN B 477 -19.59 8.58 8.97
N GLY B 478 -19.40 9.44 9.97
CA GLY B 478 -20.49 10.09 10.68
C GLY B 478 -20.29 11.58 10.73
N VAL B 479 -20.33 12.16 11.94
CA VAL B 479 -20.12 13.59 12.13
C VAL B 479 -18.71 13.93 12.59
N LEU B 480 -17.82 12.94 12.72
CA LEU B 480 -16.43 13.15 13.15
C LEU B 480 -16.40 13.85 14.51
N LEU B 481 -16.85 13.09 15.51
CA LEU B 481 -17.03 13.62 16.86
C LEU B 481 -15.73 14.23 17.39
N SER B 482 -15.85 15.40 18.00
CA SER B 482 -14.69 16.13 18.50
C SER B 482 -14.19 15.52 19.80
N GLY B 483 -12.95 15.87 20.16
CA GLY B 483 -12.36 15.36 21.38
C GLY B 483 -13.12 15.75 22.63
N GLY B 484 -13.69 16.96 22.64
CA GLY B 484 -14.41 17.46 23.80
C GLY B 484 -15.58 16.61 24.22
N GLN B 485 -16.12 15.80 23.30
CA GLN B 485 -17.16 14.82 23.63
C GLN B 485 -16.72 13.38 23.40
N ARG B 486 -15.59 13.13 22.73
CA ARG B 486 -15.02 11.78 22.79
C ARG B 486 -14.61 11.46 24.22
N GLN B 487 -14.02 12.43 24.93
CA GLN B 487 -13.73 12.23 26.34
C GLN B 487 -14.99 11.95 27.13
N ARG B 488 -16.07 12.68 26.85
CA ARG B 488 -17.27 12.53 27.66
C ARG B 488 -18.04 11.25 27.31
N ILE B 489 -18.02 10.81 26.05
CA ILE B 489 -18.66 9.55 25.72
C ILE B 489 -17.84 8.38 26.25
N ALA B 490 -16.51 8.49 26.29
CA ALA B 490 -15.73 7.47 26.99
C ALA B 490 -16.06 7.48 28.48
N ILE B 491 -16.26 8.67 29.05
CA ILE B 491 -16.64 8.77 30.45
C ILE B 491 -17.97 8.07 30.69
N ALA B 492 -18.93 8.26 29.78
CA ALA B 492 -20.20 7.56 29.91
C ALA B 492 -20.04 6.05 29.71
N ARG B 493 -19.14 5.65 28.81
CA ARG B 493 -18.85 4.24 28.60
C ARG B 493 -18.38 3.60 29.90
N ALA B 494 -17.54 4.31 30.65
CA ALA B 494 -17.12 3.81 31.95
C ALA B 494 -18.21 3.98 33.02
N LEU B 495 -19.03 5.02 32.89
CA LEU B 495 -20.00 5.42 33.89
C LEU B 495 -21.35 4.74 33.70
N LEU B 496 -21.44 3.78 32.79
CA LEU B 496 -22.59 2.88 32.71
C LEU B 496 -22.46 1.70 33.69
N ARG B 497 -21.74 1.89 34.79
CA ARG B 497 -21.67 0.98 35.93
C ARG B 497 -21.00 -0.34 35.56
N ASP B 498 -20.87 -1.23 36.54
CA ASP B 498 -20.03 -2.42 36.43
C ASP B 498 -18.59 -2.05 36.08
N SER B 499 -18.10 -1.00 36.76
CA SER B 499 -16.73 -0.49 36.57
C SER B 499 -16.12 -0.23 37.94
N PRO B 500 -15.76 -1.30 38.67
CA PRO B 500 -15.15 -1.08 40.00
C PRO B 500 -13.83 -0.32 39.94
N ILE B 501 -13.06 -0.45 38.86
CA ILE B 501 -11.76 0.19 38.72
C ILE B 501 -11.75 0.97 37.41
N LEU B 502 -11.11 2.14 37.42
CA LEU B 502 -10.94 2.97 36.23
C LEU B 502 -9.48 3.30 36.02
N ILE B 503 -9.11 3.45 34.76
CA ILE B 503 -7.80 3.96 34.35
C ILE B 503 -8.04 5.24 33.58
N LEU B 504 -7.44 6.33 34.03
CA LEU B 504 -7.61 7.66 33.44
C LEU B 504 -6.31 8.11 32.82
N ASP B 505 -6.40 8.65 31.60
CA ASP B 505 -5.22 9.13 30.88
C ASP B 505 -4.98 10.61 31.13
N GLU B 506 -5.93 11.46 30.75
CA GLU B 506 -5.77 12.90 30.82
C GLU B 506 -4.49 13.34 30.12
N ALA B 507 -4.30 12.79 28.92
CA ALA B 507 -3.04 12.95 28.21
C ALA B 507 -2.75 14.42 27.88
N THR B 508 -3.76 15.14 27.40
CA THR B 508 -3.57 16.53 27.00
C THR B 508 -3.71 17.48 28.18
N SER B 509 -4.85 17.44 28.88
CA SER B 509 -5.14 18.37 29.96
C SER B 509 -5.11 19.81 29.44
N ALA B 510 -5.99 20.08 28.49
CA ALA B 510 -5.97 21.30 27.69
C ALA B 510 -7.32 22.02 27.81
N LEU B 511 -7.51 23.03 26.96
CA LEU B 511 -8.71 23.85 27.00
C LEU B 511 -9.95 23.00 26.72
N ASP B 512 -10.88 23.00 27.66
CA ASP B 512 -12.17 22.34 27.51
C ASP B 512 -13.27 23.27 27.99
N THR B 513 -14.42 23.24 27.30
CA THR B 513 -15.57 24.05 27.68
C THR B 513 -16.31 23.31 28.80
N GLU B 514 -15.72 23.37 30.00
CA GLU B 514 -16.23 22.73 31.21
C GLU B 514 -16.32 21.20 31.08
N SER B 515 -15.62 20.61 30.12
CA SER B 515 -15.45 19.16 30.14
C SER B 515 -14.52 18.73 31.27
N GLU B 516 -13.61 19.61 31.70
CA GLU B 516 -12.89 19.36 32.94
C GLU B 516 -13.84 19.35 34.12
N ARG B 517 -14.82 20.26 34.16
CA ARG B 517 -15.83 20.18 35.20
C ARG B 517 -16.63 18.89 35.09
N ALA B 518 -16.90 18.45 33.86
CA ALA B 518 -17.60 17.18 33.66
C ALA B 518 -16.80 16.01 34.21
N ILE B 519 -15.47 16.02 34.03
CA ILE B 519 -14.68 14.90 34.51
C ILE B 519 -14.43 14.99 36.02
N GLN B 520 -14.48 16.19 36.63
CA GLN B 520 -14.58 16.22 38.10
C GLN B 520 -15.92 15.67 38.58
N ALA B 521 -17.00 15.93 37.86
CA ALA B 521 -18.27 15.31 38.21
C ALA B 521 -18.16 13.79 38.10
N ALA B 522 -17.50 13.31 37.05
CA ALA B 522 -17.25 11.88 36.92
C ALA B 522 -16.41 11.36 38.09
N LEU B 523 -15.39 12.12 38.50
CA LEU B 523 -14.58 11.73 39.65
C LEU B 523 -15.44 11.55 40.88
N ASP B 524 -16.23 12.58 41.22
CA ASP B 524 -17.08 12.54 42.39
C ASP B 524 -18.12 11.43 42.30
N GLU B 525 -18.55 11.09 41.08
CA GLU B 525 -19.62 10.11 40.94
C GLU B 525 -19.11 8.69 41.05
N LEU B 526 -18.01 8.35 40.36
CA LEU B 526 -17.59 6.96 40.21
C LEU B 526 -16.23 6.67 40.85
N GLN B 527 -15.74 7.53 41.74
CA GLN B 527 -14.81 7.04 42.76
C GLN B 527 -15.06 7.70 44.11
N LYS B 528 -16.32 8.03 44.40
CA LYS B 528 -16.74 8.20 45.79
C LYS B 528 -16.80 6.87 46.53
N ASN B 529 -16.94 5.75 45.80
CA ASN B 529 -16.93 4.42 46.39
C ASN B 529 -16.07 3.42 45.61
N ARG B 530 -15.59 3.78 44.42
CA ARG B 530 -14.81 2.89 43.56
C ARG B 530 -13.36 3.35 43.53
N THR B 531 -12.50 2.48 43.02
CA THR B 531 -11.08 2.77 42.94
C THR B 531 -10.74 3.46 41.62
N SER B 532 -9.51 3.95 41.52
CA SER B 532 -9.05 4.60 40.30
C SER B 532 -7.53 4.73 40.34
N LEU B 533 -6.89 4.37 39.24
CA LEU B 533 -5.47 4.65 39.00
C LEU B 533 -5.38 5.64 37.85
N VAL B 534 -4.72 6.78 38.10
CA VAL B 534 -4.70 7.90 37.18
C VAL B 534 -3.25 8.26 36.87
N ILE B 535 -3.00 8.63 35.61
CA ILE B 535 -1.77 9.32 35.22
C ILE B 535 -2.10 10.79 35.07
N ALA B 536 -1.25 11.64 35.63
CA ALA B 536 -1.57 13.03 35.95
C ALA B 536 -0.81 13.97 35.03
N HIS B 537 -1.54 14.98 34.51
CA HIS B 537 -0.92 16.04 33.74
C HIS B 537 -1.53 17.42 34.02
N ARG B 538 -2.42 17.53 35.01
CA ARG B 538 -3.12 18.78 35.30
C ARG B 538 -2.98 19.14 36.77
N LEU B 539 -3.05 20.46 37.03
CA LEU B 539 -2.97 20.94 38.40
C LEU B 539 -4.15 20.46 39.24
N SER B 540 -5.30 20.20 38.61
CA SER B 540 -6.41 19.59 39.33
C SER B 540 -6.04 18.19 39.81
N THR B 541 -5.35 17.42 38.97
CA THR B 541 -4.86 16.12 39.41
C THR B 541 -3.82 16.25 40.51
N ILE B 542 -2.94 17.25 40.41
CA ILE B 542 -1.92 17.44 41.45
C ILE B 542 -2.59 17.77 42.78
N GLU B 543 -3.59 18.66 42.77
CA GLU B 543 -4.18 19.14 44.01
C GLU B 543 -5.18 18.13 44.58
N LYS B 544 -6.24 17.82 43.83
CA LYS B 544 -7.30 16.92 44.29
C LYS B 544 -6.86 15.49 44.02
N ALA B 545 -6.27 14.87 45.04
CA ALA B 545 -5.86 13.48 44.95
C ALA B 545 -5.59 12.97 46.37
N ASP B 546 -6.26 11.89 46.74
CA ASP B 546 -6.10 11.33 48.08
C ASP B 546 -4.69 10.83 48.33
N GLU B 547 -4.08 10.19 47.34
CA GLU B 547 -2.74 9.61 47.48
C GLU B 547 -2.01 9.84 46.18
N ILE B 548 -1.01 10.72 46.19
CA ILE B 548 -0.24 11.07 45.00
C ILE B 548 1.03 10.23 45.01
N VAL B 549 1.21 9.42 43.97
CA VAL B 549 2.39 8.59 43.79
C VAL B 549 3.01 8.99 42.46
N VAL B 550 4.22 9.55 42.52
CA VAL B 550 4.94 9.98 41.33
C VAL B 550 5.96 8.90 40.96
N VAL B 551 5.70 7.66 41.36
CA VAL B 551 6.58 6.55 41.03
C VAL B 551 6.59 6.38 39.52
N GLU B 552 7.79 6.43 38.94
CA GLU B 552 7.94 6.41 37.49
C GLU B 552 9.40 6.11 37.17
N ASP B 553 9.75 6.20 35.89
CA ASP B 553 11.11 5.95 35.40
C ASP B 553 11.60 4.56 35.76
N GLY B 554 10.68 3.61 35.92
CA GLY B 554 11.05 2.26 36.31
C GLY B 554 11.75 2.20 37.65
N VAL B 555 11.24 2.93 38.64
CA VAL B 555 11.84 2.93 39.98
C VAL B 555 10.81 3.45 40.97
N ILE B 556 10.82 2.89 42.17
CA ILE B 556 9.91 3.29 43.25
C ILE B 556 10.67 4.23 44.17
N VAL B 557 10.24 5.49 44.22
CA VAL B 557 11.00 6.55 44.86
C VAL B 557 10.17 7.30 45.90
N GLU B 558 8.90 7.60 45.59
CA GLU B 558 8.05 8.40 46.47
C GLU B 558 6.72 7.69 46.75
N ARG B 559 6.14 8.02 47.90
CA ARG B 559 4.81 7.53 48.28
C ARG B 559 4.29 8.41 49.41
N GLY B 560 3.22 9.14 49.16
CA GLY B 560 2.65 9.98 50.20
C GLY B 560 1.50 10.81 49.69
N THR B 561 0.78 11.41 50.65
CA THR B 561 -0.36 12.26 50.36
C THR B 561 0.10 13.65 49.93
N HIS B 562 -0.80 14.63 49.93
CA HIS B 562 -0.41 15.99 49.60
C HIS B 562 0.67 16.51 50.54
N ASN B 563 0.57 16.18 51.84
CA ASN B 563 1.61 16.59 52.78
C ASN B 563 2.96 15.95 52.44
N ASP B 564 2.94 14.76 51.82
CA ASP B 564 4.15 14.05 51.46
C ASP B 564 4.21 13.81 49.95
N LEU B 565 3.91 14.86 49.17
CA LEU B 565 4.13 14.77 47.72
C LEU B 565 5.58 14.46 47.39
N LEU B 566 6.51 14.88 48.24
CA LEU B 566 7.94 14.80 48.00
C LEU B 566 8.60 13.85 48.98
N GLU B 567 9.46 12.96 48.46
CA GLU B 567 10.45 12.32 49.31
C GLU B 567 11.60 13.29 49.57
N HIS B 568 12.08 13.94 48.52
CA HIS B 568 12.98 15.08 48.61
C HIS B 568 12.54 16.08 47.54
N ARG B 569 13.13 17.28 47.62
CA ARG B 569 12.75 18.37 46.68
C ARG B 569 12.77 17.83 45.24
N GLY B 570 11.73 18.16 44.48
CA GLY B 570 11.63 17.67 43.12
C GLY B 570 10.42 18.20 42.37
N VAL B 571 9.73 17.32 41.66
CA VAL B 571 8.67 17.74 40.74
C VAL B 571 7.39 17.98 41.52
N TYR B 572 6.83 19.18 41.37
CA TYR B 572 5.56 19.56 42.01
C TYR B 572 5.62 19.35 43.53
N ALA B 573 6.75 19.71 44.13
CA ALA B 573 6.97 19.57 45.56
C ALA B 573 6.81 20.91 46.29
N GLN B 574 5.93 21.77 45.79
CA GLN B 574 5.72 23.08 46.42
C GLN B 574 4.89 22.94 47.69
#